data_3CW7
#
_entry.id   3CW7
#
_cell.length_a   75.522
_cell.length_b   101.594
_cell.length_c   103.279
_cell.angle_alpha   90.00
_cell.angle_beta   94.23
_cell.angle_gamma   90.00
#
_symmetry.space_group_name_H-M   'P 1 21 1'
#
loop_
_entity.id
_entity.type
_entity.pdbx_description
1 polymer 'DNA-3-methyladenine glycosylase 2'
2 polymer "DNA (5'-D(*DGP*DAP*DCP*DAP*DTP*DGP*DAP*(8OG)P*DTP*DGP*DCP*DC)-3')"
3 polymer "DNA (5'-D(*DGP*DGP*DCP*DAP*DCP*DTP*DCP*DAP*DTP*DGP*DTP*DC)-3')"
4 water water
#
loop_
_entity_poly.entity_id
_entity_poly.type
_entity_poly.pdbx_seq_one_letter_code
_entity_poly.pdbx_strand_id
1 'polypeptide(L)'
;MYTLNWQPPYDWSWMLGFLAARAVSSVETVADSYYARSLAVGEYRGVVTAIPDIARHTLHINLSAGLEPVAAECLAKMSR
LFDLQCNPQIVNGALGRLGAARPGLRLPGCVDAFEQGVRAILGQLVSVAMAAKLTARVAQLYGERLDDFPEYICFPTPQR
LAAADPQALKALGMPLKRAEALIHLANAALEGTLPMTIPGDVEQAMKTLQTFPGIGRWTANYFALRGWQAKDVFLPDDYL
IKQRFPGMTPAQIRRYAERWKPWRSYALLHIWYTEGWQPDEA
;
A,B,C,D
2 'polydeoxyribonucleotide' (DG)(DA)(DC)(DA)(DT)(DG)(DA)(8OG)(DT)(DG)(DC)(DC) E,G
3 'polydeoxyribonucleotide' (DG)(DG)(DC)(DA)(DC)(DT)(DC)(DA)(DT)(DG)(DT)(DC) F,H
#
# COMPACT_ATOMS: atom_id res chain seq x y z
N MET A 1 -38.34 32.53 6.74
CA MET A 1 -37.35 33.57 7.14
C MET A 1 -36.34 33.83 6.03
N TYR A 2 -35.32 32.98 5.91
CA TYR A 2 -34.32 33.14 4.85
C TYR A 2 -35.00 32.74 3.55
N THR A 3 -34.64 33.39 2.45
CA THR A 3 -35.25 33.02 1.18
C THR A 3 -34.19 32.86 0.09
N LEU A 4 -34.39 31.90 -0.79
CA LEU A 4 -33.48 31.61 -1.91
C LEU A 4 -34.29 31.54 -3.20
N ASN A 5 -33.71 31.96 -4.31
CA ASN A 5 -34.43 31.93 -5.57
C ASN A 5 -34.12 30.68 -6.41
N TRP A 6 -34.98 30.43 -7.39
CA TRP A 6 -34.79 29.33 -8.32
C TRP A 6 -35.38 29.83 -9.60
N GLN A 7 -35.12 29.15 -10.70
CA GLN A 7 -35.65 29.59 -11.97
C GLN A 7 -36.71 28.63 -12.47
N PRO A 8 -37.87 29.16 -12.90
CA PRO A 8 -38.97 28.34 -13.41
C PRO A 8 -38.53 27.65 -14.69
N PRO A 9 -39.09 26.47 -14.97
CA PRO A 9 -40.10 25.83 -14.13
C PRO A 9 -39.44 24.90 -13.13
N TYR A 10 -40.12 24.62 -12.02
CA TYR A 10 -39.60 23.73 -10.99
C TYR A 10 -40.76 22.87 -10.56
N ASP A 11 -40.66 21.57 -10.80
CA ASP A 11 -41.71 20.61 -10.45
C ASP A 11 -41.59 20.20 -8.98
N TRP A 12 -42.06 21.07 -8.08
CA TRP A 12 -42.01 20.76 -6.66
C TRP A 12 -42.79 19.50 -6.23
N SER A 13 -43.83 19.12 -6.95
CA SER A 13 -44.57 17.94 -6.54
C SER A 13 -43.77 16.69 -6.83
N TRP A 14 -43.08 16.69 -7.97
CA TRP A 14 -42.26 15.54 -8.32
C TRP A 14 -41.14 15.42 -7.27
N MET A 15 -40.48 16.55 -6.98
CA MET A 15 -39.39 16.59 -6.02
C MET A 15 -39.82 16.12 -4.62
N LEU A 16 -40.87 16.74 -4.09
CA LEU A 16 -41.37 16.38 -2.76
C LEU A 16 -41.78 14.91 -2.75
N GLY A 17 -42.37 14.44 -3.85
CA GLY A 17 -42.77 13.05 -3.93
C GLY A 17 -41.55 12.14 -3.85
N PHE A 18 -40.53 12.49 -4.63
CA PHE A 18 -39.30 11.73 -4.68
C PHE A 18 -38.69 11.62 -3.27
N LEU A 19 -38.70 12.73 -2.54
CA LEU A 19 -38.13 12.72 -1.19
C LEU A 19 -39.02 11.97 -0.20
N ALA A 20 -40.33 12.06 -0.37
CA ALA A 20 -41.23 11.38 0.53
C ALA A 20 -41.00 9.87 0.48
N ALA A 21 -40.83 9.36 -0.73
CA ALA A 21 -40.63 7.93 -0.91
C ALA A 21 -39.38 7.40 -0.20
N ARG A 22 -38.39 8.26 0.01
CA ARG A 22 -37.14 7.84 0.66
C ARG A 22 -36.99 8.39 2.06
N ALA A 23 -37.97 9.17 2.48
CA ALA A 23 -37.93 9.81 3.79
C ALA A 23 -37.70 8.82 4.94
N VAL A 24 -36.87 9.23 5.89
CA VAL A 24 -36.53 8.40 7.03
C VAL A 24 -37.27 8.92 8.26
N SER A 25 -38.02 8.02 8.90
CA SER A 25 -38.80 8.35 10.09
C SER A 25 -37.93 8.86 11.23
N SER A 26 -38.36 9.98 11.81
CA SER A 26 -37.64 10.63 12.91
C SER A 26 -36.60 11.63 12.42
N VAL A 27 -36.19 11.51 11.17
CA VAL A 27 -35.20 12.44 10.63
C VAL A 27 -35.85 13.51 9.72
N GLU A 28 -36.73 13.08 8.83
CA GLU A 28 -37.39 14.00 7.92
C GLU A 28 -38.91 13.91 8.00
N THR A 29 -39.56 14.94 7.47
CA THR A 29 -41.01 15.03 7.41
C THR A 29 -41.32 15.71 6.10
N VAL A 30 -42.06 15.01 5.23
CA VAL A 30 -42.41 15.56 3.92
C VAL A 30 -43.91 15.72 3.72
N ALA A 31 -44.31 16.91 3.28
CA ALA A 31 -45.71 17.23 3.03
C ALA A 31 -45.80 17.77 1.60
N ASP A 32 -47.01 18.13 1.17
CA ASP A 32 -47.17 18.61 -0.20
C ASP A 32 -46.71 20.05 -0.43
N SER A 33 -46.38 20.75 0.66
CA SER A 33 -45.94 22.12 0.51
C SER A 33 -44.70 22.47 1.31
N TYR A 34 -44.10 21.48 1.96
CA TYR A 34 -42.89 21.74 2.72
C TYR A 34 -42.09 20.47 3.05
N TYR A 35 -40.83 20.69 3.38
CA TYR A 35 -39.90 19.64 3.74
C TYR A 35 -39.22 20.13 5.00
N ALA A 36 -39.03 19.25 5.98
CA ALA A 36 -38.38 19.60 7.23
C ALA A 36 -37.60 18.39 7.74
N ARG A 37 -36.50 18.63 8.43
CA ARG A 37 -35.69 17.54 8.95
C ARG A 37 -34.65 18.02 9.94
N SER A 38 -34.04 17.06 10.62
CA SER A 38 -33.00 17.35 11.59
C SER A 38 -31.76 17.70 10.78
N LEU A 39 -30.86 18.44 11.39
CA LEU A 39 -29.66 18.83 10.68
C LEU A 39 -28.58 19.18 11.65
N ALA A 40 -27.40 18.60 11.44
CA ALA A 40 -26.25 18.87 12.30
C ALA A 40 -25.15 19.50 11.46
N VAL A 41 -24.58 20.58 11.95
CA VAL A 41 -23.48 21.23 11.27
C VAL A 41 -22.46 21.35 12.38
N GLY A 42 -21.53 20.40 12.42
CA GLY A 42 -20.53 20.37 13.45
C GLY A 42 -21.22 20.02 14.76
N GLU A 43 -21.06 20.89 15.76
CA GLU A 43 -21.66 20.69 17.06
C GLU A 43 -23.01 21.40 17.15
N TYR A 44 -23.39 22.09 16.07
CA TYR A 44 -24.66 22.81 16.01
C TYR A 44 -25.72 21.89 15.46
N ARG A 45 -26.88 21.84 16.12
CA ARG A 45 -27.97 20.98 15.70
C ARG A 45 -29.32 21.69 15.77
N GLY A 46 -30.29 21.18 15.03
CA GLY A 46 -31.60 21.78 15.04
C GLY A 46 -32.51 21.26 13.94
N VAL A 47 -33.52 22.05 13.60
CA VAL A 47 -34.46 21.66 12.57
C VAL A 47 -34.56 22.70 11.47
N VAL A 48 -34.59 22.25 10.23
CA VAL A 48 -34.71 23.15 9.09
C VAL A 48 -36.04 22.90 8.40
N THR A 49 -36.73 23.97 8.05
CA THR A 49 -38.01 23.83 7.38
C THR A 49 -37.96 24.60 6.08
N ALA A 50 -38.28 23.93 4.99
CA ALA A 50 -38.26 24.58 3.68
C ALA A 50 -39.66 24.67 3.08
N ILE A 51 -40.08 25.88 2.77
CA ILE A 51 -41.41 26.11 2.21
C ILE A 51 -41.33 26.83 0.87
N PRO A 52 -41.68 26.14 -0.23
CA PRO A 52 -41.62 26.80 -1.53
C PRO A 52 -42.79 27.76 -1.76
N ASP A 53 -42.56 28.75 -2.62
CA ASP A 53 -43.55 29.75 -2.97
C ASP A 53 -43.56 29.84 -4.50
N ILE A 54 -44.46 29.08 -5.11
CA ILE A 54 -44.58 29.02 -6.56
C ILE A 54 -44.78 30.37 -7.22
N ALA A 55 -45.65 31.18 -6.64
CA ALA A 55 -45.97 32.48 -7.18
C ALA A 55 -44.74 33.32 -7.51
N ARG A 56 -43.83 33.45 -6.55
CA ARG A 56 -42.63 34.27 -6.75
C ARG A 56 -41.31 33.51 -6.89
N HIS A 57 -41.40 32.21 -7.22
CA HIS A 57 -40.22 31.35 -7.40
C HIS A 57 -39.12 31.54 -6.36
N THR A 58 -39.49 31.37 -5.10
CA THR A 58 -38.60 31.53 -3.97
C THR A 58 -38.82 30.37 -3.00
N LEU A 59 -37.79 30.03 -2.23
CA LEU A 59 -37.90 28.96 -1.25
C LEU A 59 -37.57 29.60 0.10
N HIS A 60 -38.51 29.54 1.03
CA HIS A 60 -38.30 30.12 2.34
C HIS A 60 -37.73 29.07 3.28
N ILE A 61 -36.65 29.43 3.96
CA ILE A 61 -35.97 28.50 4.88
C ILE A 61 -36.01 29.02 6.31
N ASN A 62 -36.50 28.20 7.21
CA ASN A 62 -36.55 28.53 8.63
C ASN A 62 -35.61 27.60 9.40
N LEU A 63 -34.91 28.16 10.39
CA LEU A 63 -33.98 27.39 11.19
C LEU A 63 -34.29 27.56 12.68
N SER A 64 -34.23 26.48 13.44
CA SER A 64 -34.47 26.60 14.87
C SER A 64 -33.20 27.25 15.40
N ALA A 65 -33.30 27.87 16.57
CA ALA A 65 -32.18 28.57 17.21
C ALA A 65 -30.84 27.86 17.24
N GLY A 66 -30.86 26.54 17.38
CA GLY A 66 -29.61 25.81 17.44
C GLY A 66 -28.76 25.91 16.18
N LEU A 67 -29.38 26.21 15.05
CA LEU A 67 -28.69 26.32 13.78
C LEU A 67 -28.35 27.73 13.32
N GLU A 68 -28.92 28.73 13.99
CA GLU A 68 -28.68 30.12 13.61
C GLU A 68 -27.20 30.51 13.42
N PRO A 69 -26.33 30.07 14.32
CA PRO A 69 -24.90 30.42 14.20
C PRO A 69 -24.26 29.95 12.88
N VAL A 70 -24.81 28.89 12.29
CA VAL A 70 -24.28 28.34 11.03
C VAL A 70 -25.34 28.45 9.92
N ALA A 71 -26.12 29.52 9.96
CA ALA A 71 -27.17 29.74 8.98
C ALA A 71 -26.79 29.47 7.53
N ALA A 72 -25.70 30.09 7.10
CA ALA A 72 -25.25 29.96 5.72
C ALA A 72 -24.87 28.55 5.26
N GLU A 73 -24.33 27.72 6.15
CA GLU A 73 -23.98 26.37 5.72
C GLU A 73 -25.31 25.62 5.55
N CYS A 74 -26.28 25.95 6.38
CA CYS A 74 -27.59 25.32 6.30
C CYS A 74 -28.26 25.69 4.97
N LEU A 75 -28.14 26.96 4.58
CA LEU A 75 -28.73 27.41 3.31
C LEU A 75 -28.08 26.67 2.14
N ALA A 76 -26.76 26.51 2.19
CA ALA A 76 -26.03 25.83 1.12
C ALA A 76 -26.44 24.36 1.03
N LYS A 77 -26.61 23.72 2.19
CA LYS A 77 -27.00 22.32 2.19
C LYS A 77 -28.37 22.16 1.54
N MET A 78 -29.27 23.09 1.86
CA MET A 78 -30.62 23.07 1.33
C MET A 78 -30.64 23.36 -0.16
N SER A 79 -29.81 24.29 -0.62
CA SER A 79 -29.81 24.61 -2.06
C SER A 79 -29.25 23.47 -2.91
N ARG A 80 -28.37 22.65 -2.33
CA ARG A 80 -27.81 21.53 -3.07
C ARG A 80 -28.87 20.43 -3.09
N LEU A 81 -29.59 20.29 -1.98
CA LEU A 81 -30.62 19.28 -1.91
C LEU A 81 -31.66 19.49 -3.01
N PHE A 82 -32.09 20.75 -3.15
CA PHE A 82 -33.11 21.08 -4.14
C PHE A 82 -32.63 21.55 -5.50
N ASP A 83 -31.33 21.48 -5.74
CA ASP A 83 -30.77 21.85 -7.04
C ASP A 83 -31.28 23.22 -7.51
N LEU A 84 -31.18 24.23 -6.65
CA LEU A 84 -31.65 25.57 -6.99
C LEU A 84 -30.85 26.19 -8.12
N GLN A 85 -29.65 25.65 -8.36
CA GLN A 85 -28.79 26.17 -9.41
C GLN A 85 -29.21 25.83 -10.82
N CYS A 86 -30.03 24.80 -10.98
CA CYS A 86 -30.42 24.36 -12.30
C CYS A 86 -31.06 25.40 -13.22
N ASN A 87 -30.69 25.34 -14.51
CA ASN A 87 -31.28 26.22 -15.51
C ASN A 87 -31.98 25.27 -16.45
N PRO A 88 -33.30 25.08 -16.26
CA PRO A 88 -34.06 24.17 -17.13
C PRO A 88 -33.94 24.46 -18.62
N GLN A 89 -33.85 25.73 -18.99
CA GLN A 89 -33.70 26.04 -20.40
C GLN A 89 -32.49 25.34 -21.01
N ILE A 90 -31.37 25.32 -20.28
CA ILE A 90 -30.16 24.67 -20.76
C ILE A 90 -30.31 23.16 -20.86
N VAL A 91 -30.75 22.56 -19.77
CA VAL A 91 -30.91 21.11 -19.70
C VAL A 91 -32.03 20.58 -20.60
N ASN A 92 -33.17 21.24 -20.60
CA ASN A 92 -34.25 20.76 -21.44
C ASN A 92 -33.89 21.01 -22.89
N GLY A 93 -33.09 22.03 -23.14
CA GLY A 93 -32.68 22.32 -24.51
C GLY A 93 -31.77 21.26 -25.07
N ALA A 94 -30.94 20.67 -24.21
CA ALA A 94 -30.00 19.64 -24.63
C ALA A 94 -30.59 18.23 -24.73
N LEU A 95 -31.53 17.91 -23.83
CA LEU A 95 -32.15 16.59 -23.83
C LEU A 95 -33.23 16.45 -24.91
N GLY A 96 -33.89 17.58 -25.22
CA GLY A 96 -34.92 17.57 -26.23
C GLY A 96 -36.20 16.90 -25.78
N ARG A 97 -36.68 15.96 -26.58
CA ARG A 97 -37.91 15.24 -26.30
C ARG A 97 -37.88 14.47 -24.97
N LEU A 98 -36.72 13.93 -24.61
CA LEU A 98 -36.60 13.16 -23.38
C LEU A 98 -37.15 13.87 -22.13
N GLY A 99 -36.92 15.17 -22.03
CA GLY A 99 -37.40 15.91 -20.87
C GLY A 99 -38.59 16.85 -21.07
N ALA A 100 -39.22 16.79 -22.23
CA ALA A 100 -40.36 17.64 -22.54
C ALA A 100 -41.62 17.33 -21.73
N ALA A 101 -41.71 16.13 -21.18
CA ALA A 101 -42.89 15.76 -20.40
C ALA A 101 -42.86 16.31 -18.96
N ARG A 102 -41.66 16.64 -18.46
CA ARG A 102 -41.51 17.19 -17.12
C ARG A 102 -40.32 18.15 -17.11
N PRO A 103 -40.44 19.29 -17.80
CA PRO A 103 -39.38 20.30 -17.89
C PRO A 103 -38.95 20.86 -16.53
N GLY A 104 -39.70 20.53 -15.48
CA GLY A 104 -39.37 21.03 -14.17
C GLY A 104 -38.58 20.08 -13.30
N LEU A 105 -38.16 18.96 -13.89
CA LEU A 105 -37.39 17.95 -13.16
C LEU A 105 -36.06 18.51 -12.60
N ARG A 106 -35.73 18.16 -11.35
CA ARG A 106 -34.48 18.60 -10.73
C ARG A 106 -33.72 17.40 -10.15
N LEU A 107 -32.44 17.59 -9.84
CA LEU A 107 -31.62 16.52 -9.28
C LEU A 107 -31.67 16.60 -7.78
N PRO A 108 -32.31 15.61 -7.15
CA PRO A 108 -32.43 15.56 -5.68
C PRO A 108 -31.03 15.25 -5.13
N GLY A 109 -30.49 16.16 -4.35
CA GLY A 109 -29.18 15.95 -3.79
C GLY A 109 -29.23 15.41 -2.37
N CYS A 110 -28.43 15.98 -1.50
CA CYS A 110 -28.41 15.53 -0.12
C CYS A 110 -28.01 16.71 0.75
N VAL A 111 -28.17 16.52 2.04
CA VAL A 111 -27.83 17.56 2.99
C VAL A 111 -26.39 17.31 3.47
N ASP A 112 -25.89 16.08 3.26
CA ASP A 112 -24.53 15.69 3.68
C ASP A 112 -24.02 14.41 3.00
N ALA A 113 -22.89 14.53 2.30
CA ALA A 113 -22.31 13.40 1.58
C ALA A 113 -22.14 12.12 2.41
N PHE A 114 -21.79 12.22 3.68
CA PHE A 114 -21.61 11.01 4.48
C PHE A 114 -22.94 10.26 4.58
N GLU A 115 -23.99 11.01 4.88
CA GLU A 115 -25.33 10.46 5.00
C GLU A 115 -25.70 9.74 3.72
N GLN A 116 -25.57 10.44 2.59
CA GLN A 116 -25.92 9.85 1.31
C GLN A 116 -25.13 8.57 1.07
N GLY A 117 -23.86 8.56 1.49
CA GLY A 117 -23.03 7.38 1.35
C GLY A 117 -23.63 6.21 2.12
N VAL A 118 -24.07 6.47 3.35
CA VAL A 118 -24.69 5.42 4.16
C VAL A 118 -26.00 4.98 3.48
N ARG A 119 -26.80 5.94 3.03
CA ARG A 119 -28.07 5.66 2.36
C ARG A 119 -27.91 4.86 1.08
N ALA A 120 -26.85 5.14 0.32
CA ALA A 120 -26.60 4.41 -0.92
C ALA A 120 -26.21 2.96 -0.64
N ILE A 121 -25.36 2.76 0.38
CA ILE A 121 -24.93 1.41 0.75
C ILE A 121 -26.12 0.54 1.18
N LEU A 122 -26.97 1.08 2.05
CA LEU A 122 -28.15 0.36 2.54
C LEU A 122 -29.20 0.21 1.45
N GLY A 123 -29.02 0.91 0.35
CA GLY A 123 -29.97 0.83 -0.75
C GLY A 123 -29.65 -0.32 -1.69
N GLN A 124 -28.55 -1.02 -1.42
CA GLN A 124 -28.12 -2.14 -2.26
C GLN A 124 -29.03 -3.37 -2.26
N LEU A 125 -29.42 -3.81 -3.46
CA LEU A 125 -30.26 -4.98 -3.61
C LEU A 125 -31.74 -4.79 -3.29
N VAL A 126 -32.02 -4.24 -2.10
CA VAL A 126 -33.39 -4.02 -1.63
C VAL A 126 -34.17 -2.91 -2.35
N SER A 127 -35.43 -2.74 -1.92
CA SER A 127 -36.33 -1.74 -2.52
C SER A 127 -36.20 -0.38 -1.88
N VAL A 128 -36.64 0.65 -2.59
CA VAL A 128 -36.60 2.01 -2.07
C VAL A 128 -37.20 2.06 -0.68
N ALA A 129 -38.44 1.60 -0.55
CA ALA A 129 -39.14 1.60 0.73
C ALA A 129 -38.39 0.83 1.81
N MET A 130 -37.91 -0.38 1.48
CA MET A 130 -37.18 -1.18 2.47
C MET A 130 -35.88 -0.48 2.95
N ALA A 131 -35.16 0.14 2.01
CA ALA A 131 -33.94 0.85 2.38
C ALA A 131 -34.26 1.96 3.39
N ALA A 132 -35.38 2.65 3.19
CA ALA A 132 -35.77 3.71 4.12
C ALA A 132 -36.09 3.10 5.49
N LYS A 133 -36.60 1.86 5.48
CA LYS A 133 -36.93 1.17 6.71
C LYS A 133 -35.65 0.87 7.47
N LEU A 134 -34.65 0.37 6.74
CA LEU A 134 -33.36 0.02 7.32
C LEU A 134 -32.64 1.27 7.84
N THR A 135 -32.56 2.31 7.01
CA THR A 135 -31.90 3.55 7.41
C THR A 135 -32.53 4.08 8.69
N ALA A 136 -33.87 4.03 8.77
CA ALA A 136 -34.56 4.51 9.96
C ALA A 136 -34.10 3.71 11.18
N ARG A 137 -33.90 2.41 11.00
CA ARG A 137 -33.48 1.57 12.11
C ARG A 137 -32.06 1.93 12.56
N VAL A 138 -31.16 2.11 11.59
CA VAL A 138 -29.78 2.48 11.90
C VAL A 138 -29.76 3.83 12.63
N ALA A 139 -30.56 4.78 12.15
CA ALA A 139 -30.61 6.09 12.77
C ALA A 139 -31.19 6.00 14.17
N GLN A 140 -32.18 5.12 14.34
CA GLN A 140 -32.82 4.95 15.64
C GLN A 140 -31.81 4.54 16.71
N LEU A 141 -30.97 3.57 16.38
CA LEU A 141 -29.97 3.06 17.31
C LEU A 141 -28.69 3.89 17.46
N TYR A 142 -28.30 4.60 16.42
CA TYR A 142 -27.06 5.35 16.46
C TYR A 142 -27.13 6.86 16.37
N GLY A 143 -28.34 7.40 16.18
CA GLY A 143 -28.46 8.84 16.06
C GLY A 143 -28.77 9.54 17.36
N GLU A 144 -28.47 10.84 17.41
CA GLU A 144 -28.72 11.65 18.60
C GLU A 144 -30.09 12.31 18.48
N ARG A 145 -30.77 12.47 19.62
CA ARG A 145 -32.08 13.08 19.62
C ARG A 145 -31.99 14.55 19.99
N LEU A 146 -32.72 15.40 19.28
CA LEU A 146 -32.72 16.83 19.54
C LEU A 146 -33.51 17.13 20.81
N ASP A 147 -32.85 17.74 21.78
CA ASP A 147 -33.48 18.09 23.05
C ASP A 147 -34.67 19.00 22.81
N ASP A 148 -34.46 19.99 21.95
CA ASP A 148 -35.48 20.99 21.62
C ASP A 148 -36.64 20.41 20.80
N PHE A 149 -36.41 19.27 20.15
CA PHE A 149 -37.45 18.63 19.31
C PHE A 149 -37.36 17.12 19.41
N PRO A 150 -37.88 16.54 20.50
CA PRO A 150 -37.88 15.10 20.77
C PRO A 150 -38.33 14.24 19.59
N GLU A 151 -39.34 14.70 18.87
CA GLU A 151 -39.87 13.98 17.73
C GLU A 151 -38.81 13.75 16.64
N TYR A 152 -37.72 14.51 16.69
CA TYR A 152 -36.66 14.40 15.69
C TYR A 152 -35.37 13.82 16.23
N ILE A 153 -34.66 13.11 15.37
CA ILE A 153 -33.37 12.51 15.72
C ILE A 153 -32.38 12.82 14.58
N CYS A 154 -31.16 13.17 14.92
CA CYS A 154 -30.15 13.49 13.91
C CYS A 154 -29.60 12.21 13.29
N PHE A 155 -29.29 12.29 12.00
CA PHE A 155 -28.74 11.14 11.30
C PHE A 155 -27.42 10.83 12.01
N PRO A 156 -27.11 9.54 12.20
CA PRO A 156 -25.88 9.08 12.86
C PRO A 156 -24.63 9.72 12.30
N THR A 157 -23.82 10.31 13.18
CA THR A 157 -22.57 10.94 12.78
C THR A 157 -21.53 9.90 12.39
N PRO A 158 -20.41 10.33 11.80
CA PRO A 158 -19.38 9.37 11.42
C PRO A 158 -18.65 8.74 12.61
N GLN A 159 -18.43 9.54 13.67
CA GLN A 159 -17.73 9.03 14.85
C GLN A 159 -18.53 7.99 15.60
N ARG A 160 -19.85 8.09 15.55
CA ARG A 160 -20.72 7.14 16.23
C ARG A 160 -20.74 5.81 15.46
N LEU A 161 -20.98 5.87 14.16
CA LEU A 161 -21.03 4.67 13.33
C LEU A 161 -19.67 4.00 13.22
N ALA A 162 -18.61 4.79 13.35
CA ALA A 162 -17.26 4.24 13.25
C ALA A 162 -16.99 3.34 14.45
N ALA A 163 -17.50 3.73 15.61
CA ALA A 163 -17.32 2.95 16.84
C ALA A 163 -18.56 2.10 17.17
N ALA A 164 -19.16 1.53 16.15
CA ALA A 164 -20.33 0.68 16.33
C ALA A 164 -19.89 -0.75 16.08
N ASP A 165 -20.59 -1.70 16.70
CA ASP A 165 -20.27 -3.11 16.54
C ASP A 165 -20.96 -3.69 15.32
N PRO A 166 -20.19 -4.27 14.39
CA PRO A 166 -20.74 -4.87 13.17
C PRO A 166 -21.95 -5.75 13.47
N GLN A 167 -21.86 -6.53 14.54
CA GLN A 167 -22.93 -7.43 14.94
C GLN A 167 -24.21 -6.68 15.29
N ALA A 168 -24.05 -5.52 15.93
CA ALA A 168 -25.20 -4.72 16.31
C ALA A 168 -25.93 -4.22 15.06
N LEU A 169 -25.19 -3.91 14.01
CA LEU A 169 -25.79 -3.44 12.75
C LEU A 169 -26.33 -4.60 11.94
N LYS A 170 -25.69 -5.76 12.05
CA LYS A 170 -26.13 -6.96 11.34
C LYS A 170 -27.58 -7.28 11.73
N ALA A 171 -27.86 -7.16 13.03
CA ALA A 171 -29.17 -7.44 13.57
C ALA A 171 -30.29 -6.53 13.05
N LEU A 172 -29.96 -5.32 12.64
CA LEU A 172 -30.97 -4.39 12.14
C LEU A 172 -31.56 -4.87 10.82
N GLY A 173 -30.92 -5.83 10.17
CA GLY A 173 -31.44 -6.35 8.92
C GLY A 173 -30.55 -6.25 7.68
N MET A 174 -29.24 -6.47 7.85
CA MET A 174 -28.30 -6.41 6.74
C MET A 174 -27.19 -7.45 6.94
N PRO A 175 -26.59 -7.94 5.84
CA PRO A 175 -25.51 -8.93 5.93
C PRO A 175 -24.35 -8.36 6.75
N LEU A 176 -23.39 -9.20 7.12
CA LEU A 176 -22.26 -8.70 7.90
C LEU A 176 -21.43 -7.79 7.00
N LYS A 177 -21.24 -8.22 5.76
CA LYS A 177 -20.48 -7.46 4.78
C LYS A 177 -20.98 -6.02 4.63
N ARG A 178 -22.29 -5.85 4.53
CA ARG A 178 -22.87 -4.52 4.37
C ARG A 178 -22.59 -3.62 5.56
N ALA A 179 -22.70 -4.16 6.77
CA ALA A 179 -22.45 -3.39 7.98
C ALA A 179 -20.96 -3.00 8.11
N GLU A 180 -20.09 -3.84 7.58
CA GLU A 180 -18.66 -3.52 7.64
C GLU A 180 -18.42 -2.36 6.69
N ALA A 181 -19.08 -2.39 5.54
CA ALA A 181 -18.95 -1.32 4.55
C ALA A 181 -19.33 0.00 5.18
N LEU A 182 -20.33 0.00 6.06
CA LEU A 182 -20.74 1.23 6.71
C LEU A 182 -19.65 1.72 7.66
N ILE A 183 -19.13 0.83 8.47
CA ILE A 183 -18.09 1.22 9.42
C ILE A 183 -16.84 1.73 8.70
N HIS A 184 -16.51 1.15 7.55
CA HIS A 184 -15.35 1.63 6.80
C HIS A 184 -15.63 3.05 6.31
N LEU A 185 -16.82 3.26 5.76
CA LEU A 185 -17.22 4.58 5.26
C LEU A 185 -17.10 5.64 6.35
N ALA A 186 -17.58 5.31 7.55
CA ALA A 186 -17.51 6.26 8.65
C ALA A 186 -16.05 6.64 8.94
N ASN A 187 -15.16 5.66 8.88
CA ASN A 187 -13.75 5.93 9.11
C ASN A 187 -13.18 6.86 8.04
N ALA A 188 -13.43 6.56 6.77
CA ALA A 188 -12.97 7.43 5.69
C ALA A 188 -13.51 8.84 5.95
N ALA A 189 -14.75 8.94 6.41
CA ALA A 189 -15.37 10.23 6.73
C ALA A 189 -14.61 10.96 7.82
N LEU A 190 -14.21 10.23 8.87
CA LEU A 190 -13.48 10.89 9.94
C LEU A 190 -12.13 11.39 9.46
N GLU A 191 -11.45 10.58 8.64
CA GLU A 191 -10.13 10.92 8.13
C GLU A 191 -10.07 12.00 7.04
N GLY A 192 -11.21 12.27 6.41
CA GLY A 192 -11.25 13.25 5.34
C GLY A 192 -10.94 12.55 4.02
N THR A 193 -11.14 11.24 4.00
CA THR A 193 -10.87 10.41 2.83
C THR A 193 -12.09 10.24 1.90
N LEU A 194 -13.25 10.66 2.36
CA LEU A 194 -14.48 10.60 1.56
C LEU A 194 -14.76 12.02 1.08
N PRO A 195 -14.53 12.29 -0.22
CA PRO A 195 -14.79 13.66 -0.71
C PRO A 195 -16.21 14.08 -0.28
N MET A 196 -16.34 15.22 0.40
CA MET A 196 -17.66 15.68 0.85
C MET A 196 -18.30 16.66 -0.12
N THR A 197 -17.49 17.15 -1.05
CA THR A 197 -17.95 18.07 -2.07
C THR A 197 -17.52 17.45 -3.39
N ILE A 198 -18.21 17.80 -4.48
CA ILE A 198 -17.89 17.23 -5.78
C ILE A 198 -16.44 17.51 -6.20
N PRO A 199 -15.72 16.47 -6.60
CA PRO A 199 -14.32 16.60 -7.04
C PRO A 199 -14.22 17.09 -8.50
N GLY A 200 -13.06 17.62 -8.89
CA GLY A 200 -12.87 18.10 -10.25
C GLY A 200 -12.90 16.97 -11.28
N ASP A 201 -12.43 15.79 -10.89
CA ASP A 201 -12.42 14.61 -11.76
C ASP A 201 -13.30 13.51 -11.16
N VAL A 202 -14.60 13.63 -11.36
CA VAL A 202 -15.56 12.66 -10.84
C VAL A 202 -15.22 11.21 -11.19
N GLU A 203 -14.83 10.97 -12.43
CA GLU A 203 -14.49 9.63 -12.87
C GLU A 203 -13.37 9.03 -12.01
N GLN A 204 -12.34 9.82 -11.74
CA GLN A 204 -11.23 9.33 -10.93
C GLN A 204 -11.70 9.05 -9.51
N ALA A 205 -12.39 10.02 -8.92
CA ALA A 205 -12.86 9.89 -7.56
C ALA A 205 -13.77 8.67 -7.35
N MET A 206 -14.60 8.36 -8.34
CA MET A 206 -15.49 7.21 -8.23
C MET A 206 -14.69 5.92 -8.26
N LYS A 207 -13.59 5.94 -9.01
CA LYS A 207 -12.70 4.80 -9.13
C LYS A 207 -12.10 4.55 -7.75
N THR A 208 -11.67 5.63 -7.10
CA THR A 208 -11.12 5.54 -5.76
C THR A 208 -12.16 5.00 -4.79
N LEU A 209 -13.42 5.39 -4.98
CA LEU A 209 -14.49 4.93 -4.11
C LEU A 209 -14.72 3.44 -4.24
N GLN A 210 -14.54 2.90 -5.45
CA GLN A 210 -14.73 1.49 -5.67
C GLN A 210 -13.69 0.60 -4.98
N THR A 211 -12.61 1.20 -4.48
CA THR A 211 -11.62 0.42 -3.78
C THR A 211 -12.13 0.15 -2.37
N PHE A 212 -13.10 0.96 -1.94
CA PHE A 212 -13.70 0.80 -0.62
C PHE A 212 -14.42 -0.56 -0.54
N PRO A 213 -14.43 -1.20 0.64
CA PRO A 213 -15.12 -2.48 0.72
C PRO A 213 -16.63 -2.24 0.76
N GLY A 214 -17.37 -3.05 0.01
CA GLY A 214 -18.82 -2.93 -0.02
C GLY A 214 -19.33 -1.95 -1.06
N ILE A 215 -18.43 -1.18 -1.65
CA ILE A 215 -18.82 -0.19 -2.65
C ILE A 215 -18.40 -0.59 -4.06
N GLY A 216 -19.37 -1.01 -4.86
CA GLY A 216 -19.11 -1.38 -6.24
C GLY A 216 -19.41 -0.21 -7.16
N ARG A 217 -19.49 -0.47 -8.46
CA ARG A 217 -19.75 0.58 -9.42
C ARG A 217 -21.12 1.24 -9.28
N TRP A 218 -22.13 0.46 -8.92
CA TRP A 218 -23.47 1.01 -8.75
C TRP A 218 -23.48 2.03 -7.61
N THR A 219 -22.99 1.63 -6.45
CA THR A 219 -22.95 2.50 -5.28
C THR A 219 -22.12 3.76 -5.49
N ALA A 220 -21.03 3.65 -6.24
CA ALA A 220 -20.17 4.80 -6.48
C ALA A 220 -20.87 5.83 -7.38
N ASN A 221 -21.48 5.35 -8.45
CA ASN A 221 -22.22 6.19 -9.39
C ASN A 221 -23.38 6.88 -8.67
N TYR A 222 -24.26 6.07 -8.07
CA TYR A 222 -25.41 6.59 -7.36
C TYR A 222 -24.99 7.61 -6.32
N PHE A 223 -23.93 7.29 -5.56
CA PHE A 223 -23.42 8.21 -4.55
C PHE A 223 -22.93 9.52 -5.19
N ALA A 224 -22.22 9.40 -6.30
CA ALA A 224 -21.68 10.58 -7.00
C ALA A 224 -22.84 11.44 -7.50
N LEU A 225 -23.91 10.78 -7.93
CA LEU A 225 -25.08 11.49 -8.45
C LEU A 225 -25.85 12.25 -7.36
N ARG A 226 -26.08 11.60 -6.22
CA ARG A 226 -26.83 12.21 -5.12
C ARG A 226 -25.95 12.95 -4.11
N GLY A 227 -24.86 12.30 -3.71
CA GLY A 227 -23.97 12.90 -2.74
C GLY A 227 -23.13 14.06 -3.23
N TRP A 228 -22.81 14.08 -4.52
CA TRP A 228 -22.00 15.16 -5.10
C TRP A 228 -22.81 16.00 -6.08
N GLN A 229 -23.97 15.50 -6.46
CA GLN A 229 -24.83 16.17 -7.42
C GLN A 229 -24.09 16.28 -8.75
N ALA A 230 -23.38 15.20 -9.10
CA ALA A 230 -22.66 15.15 -10.36
C ALA A 230 -23.75 15.13 -11.44
N LYS A 231 -23.69 16.07 -12.38
CA LYS A 231 -24.72 16.16 -13.38
C LYS A 231 -24.56 15.29 -14.60
N ASP A 232 -23.39 14.67 -14.77
CA ASP A 232 -23.19 13.85 -15.96
C ASP A 232 -22.88 12.38 -15.72
N VAL A 233 -23.68 11.71 -14.90
CA VAL A 233 -23.43 10.30 -14.64
C VAL A 233 -24.67 9.43 -14.90
N PHE A 234 -24.48 8.32 -15.60
CA PHE A 234 -25.61 7.46 -15.87
C PHE A 234 -25.49 6.26 -14.94
N LEU A 235 -26.57 5.49 -14.80
CA LEU A 235 -26.56 4.31 -13.92
C LEU A 235 -26.98 3.06 -14.68
N PRO A 236 -26.12 2.55 -15.58
CA PRO A 236 -26.40 1.36 -16.40
C PRO A 236 -26.61 0.05 -15.64
N ASP A 237 -26.15 -0.01 -14.40
CA ASP A 237 -26.29 -1.22 -13.60
C ASP A 237 -27.56 -1.19 -12.77
N ASP A 238 -28.26 -0.07 -12.81
CA ASP A 238 -29.50 0.08 -12.05
C ASP A 238 -30.55 -0.95 -12.45
N TYR A 239 -31.33 -1.40 -11.46
CA TYR A 239 -32.37 -2.38 -11.72
C TYR A 239 -33.40 -1.85 -12.72
N LEU A 240 -34.02 -0.72 -12.40
CA LEU A 240 -35.03 -0.14 -13.27
C LEU A 240 -34.46 0.27 -14.63
N ILE A 241 -33.22 0.76 -14.65
CA ILE A 241 -32.62 1.17 -15.90
C ILE A 241 -32.49 0.00 -16.87
N LYS A 242 -32.07 -1.17 -16.37
CA LYS A 242 -31.93 -2.32 -17.24
C LYS A 242 -33.31 -2.74 -17.74
N GLN A 243 -34.33 -2.39 -16.95
CA GLN A 243 -35.71 -2.70 -17.29
C GLN A 243 -36.22 -1.72 -18.34
N ARG A 244 -35.50 -0.62 -18.54
CA ARG A 244 -35.87 0.40 -19.51
C ARG A 244 -35.14 0.15 -20.83
N PHE A 245 -34.04 -0.59 -20.74
CA PHE A 245 -33.24 -0.96 -21.91
C PHE A 245 -33.23 -2.49 -21.99
N PRO A 246 -34.39 -3.10 -22.32
CA PRO A 246 -34.55 -4.55 -22.44
C PRO A 246 -33.52 -5.27 -23.31
N GLY A 247 -32.87 -6.27 -22.72
CA GLY A 247 -31.87 -7.06 -23.44
C GLY A 247 -30.54 -6.40 -23.77
N MET A 248 -30.32 -5.19 -23.28
CA MET A 248 -29.06 -4.51 -23.56
C MET A 248 -28.06 -4.66 -22.42
N THR A 249 -26.79 -4.85 -22.78
CA THR A 249 -25.73 -5.02 -21.81
C THR A 249 -25.20 -3.68 -21.32
N PRO A 250 -24.67 -3.64 -20.08
CA PRO A 250 -24.11 -2.45 -19.44
C PRO A 250 -23.38 -1.49 -20.36
N ALA A 251 -22.37 -1.99 -21.09
CA ALA A 251 -21.61 -1.13 -21.98
C ALA A 251 -22.48 -0.59 -23.13
N GLN A 252 -23.55 -1.30 -23.44
CA GLN A 252 -24.45 -0.86 -24.50
C GLN A 252 -25.26 0.35 -24.01
N ILE A 253 -25.89 0.18 -22.85
CA ILE A 253 -26.67 1.24 -22.24
C ILE A 253 -25.78 2.47 -22.10
N ARG A 254 -24.58 2.25 -21.58
CA ARG A 254 -23.59 3.31 -21.39
C ARG A 254 -23.29 4.05 -22.70
N ARG A 255 -23.05 3.30 -23.78
CA ARG A 255 -22.74 3.94 -25.05
C ARG A 255 -23.96 4.73 -25.51
N TYR A 256 -25.14 4.17 -25.30
CA TYR A 256 -26.38 4.84 -25.70
C TYR A 256 -26.48 6.14 -24.92
N ALA A 257 -26.29 6.04 -23.60
CA ALA A 257 -26.37 7.18 -22.70
C ALA A 257 -25.49 8.38 -23.10
N GLU A 258 -24.45 8.13 -23.88
CA GLU A 258 -23.52 9.18 -24.31
C GLU A 258 -24.14 10.35 -25.05
N ARG A 259 -25.19 10.11 -25.81
CA ARG A 259 -25.83 11.19 -26.56
C ARG A 259 -26.40 12.29 -25.65
N TRP A 260 -26.47 12.01 -24.34
CA TRP A 260 -27.01 12.99 -23.41
C TRP A 260 -25.96 13.80 -22.67
N LYS A 261 -24.70 13.63 -23.06
CA LYS A 261 -23.61 14.36 -22.44
C LYS A 261 -23.90 15.85 -22.64
N PRO A 262 -23.61 16.71 -21.64
CA PRO A 262 -23.01 16.42 -20.33
C PRO A 262 -24.06 16.48 -19.22
N TRP A 263 -25.28 16.08 -19.56
CA TRP A 263 -26.38 16.10 -18.61
C TRP A 263 -26.95 14.70 -18.39
N ARG A 264 -26.08 13.69 -18.38
CA ARG A 264 -26.54 12.32 -18.20
C ARG A 264 -27.29 12.06 -16.90
N SER A 265 -26.99 12.85 -15.87
CA SER A 265 -27.68 12.64 -14.61
C SER A 265 -29.14 13.02 -14.78
N TYR A 266 -29.41 14.07 -15.52
CA TYR A 266 -30.79 14.48 -15.74
C TYR A 266 -31.54 13.50 -16.65
N ALA A 267 -30.85 12.98 -17.66
CA ALA A 267 -31.48 12.02 -18.56
C ALA A 267 -31.86 10.79 -17.76
N LEU A 268 -30.95 10.37 -16.88
CA LEU A 268 -31.20 9.21 -16.02
C LEU A 268 -32.52 9.35 -15.28
N LEU A 269 -32.69 10.49 -14.61
CA LEU A 269 -33.91 10.78 -13.85
C LEU A 269 -35.17 10.81 -14.72
N HIS A 270 -35.05 11.34 -15.92
CA HIS A 270 -36.18 11.40 -16.83
C HIS A 270 -36.62 10.02 -17.27
N ILE A 271 -35.65 9.13 -17.48
CA ILE A 271 -35.93 7.78 -17.91
C ILE A 271 -36.61 6.99 -16.79
N TRP A 272 -36.12 7.14 -15.57
CA TRP A 272 -36.72 6.47 -14.42
C TRP A 272 -38.20 6.84 -14.32
N TYR A 273 -38.50 8.11 -14.56
CA TYR A 273 -39.88 8.59 -14.44
C TYR A 273 -40.71 8.77 -15.70
N THR A 274 -40.45 7.95 -16.72
CA THR A 274 -41.24 7.96 -17.94
C THR A 274 -41.76 6.53 -17.97
N GLU A 275 -43.02 6.38 -17.63
CA GLU A 275 -43.66 5.07 -17.55
C GLU A 275 -43.38 4.12 -18.71
N GLY A 276 -43.59 4.58 -19.94
CA GLY A 276 -43.37 3.70 -21.08
C GLY A 276 -42.22 4.02 -22.01
N TRP A 277 -41.15 4.57 -21.47
CA TRP A 277 -39.99 4.92 -22.28
C TRP A 277 -39.27 3.70 -22.82
N GLN A 278 -38.74 3.83 -24.03
CA GLN A 278 -38.00 2.75 -24.65
C GLN A 278 -37.04 3.36 -25.65
N PRO A 279 -35.85 2.77 -25.82
CA PRO A 279 -34.89 3.32 -26.77
C PRO A 279 -35.52 3.52 -28.14
N ASP A 280 -35.01 4.50 -28.88
CA ASP A 280 -35.55 4.81 -30.21
C ASP A 280 -35.65 3.62 -31.14
N GLU A 281 -36.79 3.48 -31.79
CA GLU A 281 -37.00 2.42 -32.76
C GLU A 281 -36.15 2.82 -33.96
N ALA A 282 -34.88 2.43 -33.96
CA ALA A 282 -34.01 2.78 -35.06
C ALA A 282 -33.18 1.58 -35.51
N MET B 1 33.98 -37.61 -9.23
CA MET B 1 34.55 -37.32 -7.88
C MET B 1 33.49 -37.45 -6.78
N TYR B 2 32.46 -36.61 -6.84
CA TYR B 2 31.38 -36.65 -5.86
C TYR B 2 30.28 -37.56 -6.40
N THR B 3 29.51 -38.19 -5.51
CA THR B 3 28.44 -39.08 -5.97
C THR B 3 27.13 -38.87 -5.22
N LEU B 4 26.04 -38.97 -5.96
CA LEU B 4 24.70 -38.79 -5.40
C LEU B 4 23.82 -39.96 -5.82
N ASN B 5 22.98 -40.41 -4.89
CA ASN B 5 22.07 -41.52 -5.15
C ASN B 5 20.73 -41.07 -5.76
N TRP B 6 20.00 -42.03 -6.31
CA TRP B 6 18.69 -41.78 -6.88
C TRP B 6 18.04 -43.16 -6.88
N GLN B 7 16.72 -43.19 -6.80
CA GLN B 7 15.98 -44.45 -6.79
C GLN B 7 15.41 -44.78 -8.16
N PRO B 8 15.66 -46.00 -8.65
CA PRO B 8 15.17 -46.41 -9.97
C PRO B 8 13.65 -46.52 -9.99
N PRO B 9 13.05 -46.44 -11.19
CA PRO B 9 13.71 -46.25 -12.49
C PRO B 9 13.97 -44.77 -12.78
N TYR B 10 14.93 -44.51 -13.65
CA TYR B 10 15.29 -43.14 -14.05
C TYR B 10 15.56 -43.12 -15.56
N ASP B 11 14.75 -42.40 -16.32
CA ASP B 11 14.92 -42.34 -17.78
C ASP B 11 15.91 -41.24 -18.15
N TRP B 12 17.20 -41.58 -18.12
CA TRP B 12 18.23 -40.60 -18.44
C TRP B 12 18.19 -40.17 -19.89
N SER B 13 17.84 -41.11 -20.76
CA SER B 13 17.75 -40.83 -22.17
C SER B 13 16.79 -39.64 -22.38
N TRP B 14 15.64 -39.73 -21.74
CA TRP B 14 14.64 -38.68 -21.84
C TRP B 14 15.09 -37.36 -21.16
N MET B 15 15.63 -37.47 -19.95
CA MET B 15 16.09 -36.29 -19.23
C MET B 15 17.14 -35.52 -20.02
N LEU B 16 18.18 -36.20 -20.46
CA LEU B 16 19.22 -35.51 -21.24
C LEU B 16 18.65 -35.02 -22.56
N GLY B 17 17.61 -35.69 -23.05
CA GLY B 17 16.99 -35.26 -24.30
C GLY B 17 16.26 -33.94 -24.08
N PHE B 18 15.62 -33.79 -22.92
CA PHE B 18 14.90 -32.56 -22.59
C PHE B 18 15.89 -31.41 -22.41
N LEU B 19 16.95 -31.63 -21.63
CA LEU B 19 17.94 -30.58 -21.40
C LEU B 19 18.73 -30.23 -22.68
N ALA B 20 18.95 -31.25 -23.53
CA ALA B 20 19.70 -31.05 -24.78
C ALA B 20 18.96 -30.13 -25.76
N ALA B 21 17.64 -30.24 -25.86
CA ALA B 21 16.90 -29.39 -26.78
C ALA B 21 16.88 -27.95 -26.28
N ARG B 22 17.07 -27.75 -24.99
CA ARG B 22 17.04 -26.41 -24.43
C ARG B 22 18.41 -25.90 -24.01
N ALA B 23 19.46 -26.64 -24.38
CA ALA B 23 20.82 -26.25 -24.03
C ALA B 23 21.22 -24.93 -24.68
N VAL B 24 21.91 -24.11 -23.91
CA VAL B 24 22.39 -22.81 -24.36
C VAL B 24 23.88 -22.85 -24.64
N SER B 25 24.23 -22.66 -25.91
CA SER B 25 25.63 -22.67 -26.34
C SER B 25 26.44 -21.76 -25.44
N SER B 26 27.66 -22.21 -25.11
CA SER B 26 28.57 -21.46 -24.27
C SER B 26 28.25 -21.61 -22.81
N VAL B 27 27.01 -21.96 -22.49
CA VAL B 27 26.64 -22.14 -21.09
C VAL B 27 26.70 -23.60 -20.67
N GLU B 28 26.05 -24.46 -21.45
CA GLU B 28 26.00 -25.87 -21.10
C GLU B 28 26.28 -26.79 -22.29
N THR B 29 26.75 -28.00 -22.00
CA THR B 29 27.02 -28.98 -23.04
C THR B 29 26.30 -30.26 -22.65
N VAL B 30 25.45 -30.76 -23.53
CA VAL B 30 24.74 -31.98 -23.23
C VAL B 30 25.16 -33.06 -24.22
N ALA B 31 25.43 -34.26 -23.71
CA ALA B 31 25.84 -35.39 -24.55
C ALA B 31 25.00 -36.60 -24.21
N ASP B 32 25.32 -37.73 -24.81
CA ASP B 32 24.58 -38.94 -24.54
C ASP B 32 24.83 -39.47 -23.14
N SER B 33 26.07 -39.31 -22.69
CA SER B 33 26.46 -39.84 -21.39
C SER B 33 26.75 -38.81 -20.31
N TYR B 34 26.58 -37.52 -20.59
CA TYR B 34 26.84 -36.52 -19.56
C TYR B 34 26.21 -35.16 -19.82
N TYR B 35 26.32 -34.29 -18.82
CA TYR B 35 25.80 -32.95 -18.86
C TYR B 35 26.87 -32.09 -18.21
N ALA B 36 27.13 -30.93 -18.77
CA ALA B 36 28.14 -30.05 -18.19
C ALA B 36 27.78 -28.58 -18.40
N ARG B 37 28.12 -27.73 -17.44
CA ARG B 37 27.83 -26.32 -17.60
C ARG B 37 28.61 -25.43 -16.64
N SER B 38 28.62 -24.14 -16.96
CA SER B 38 29.25 -23.14 -16.13
C SER B 38 28.38 -23.02 -14.90
N LEU B 39 28.98 -22.59 -13.80
CA LEU B 39 28.25 -22.46 -12.55
C LEU B 39 28.90 -21.41 -11.67
N ALA B 40 28.09 -20.49 -11.17
CA ALA B 40 28.61 -19.46 -10.30
C ALA B 40 27.87 -19.45 -8.97
N VAL B 41 28.62 -19.62 -7.88
CA VAL B 41 28.06 -19.58 -6.53
C VAL B 41 28.77 -18.39 -5.90
N GLY B 42 28.14 -17.22 -5.95
CA GLY B 42 28.79 -16.04 -5.40
C GLY B 42 29.94 -15.70 -6.33
N GLU B 43 31.15 -15.57 -5.77
CA GLU B 43 32.32 -15.24 -6.57
C GLU B 43 33.09 -16.47 -7.07
N TYR B 44 32.67 -17.65 -6.63
CA TYR B 44 33.31 -18.88 -7.05
C TYR B 44 32.75 -19.35 -8.39
N ARG B 45 33.64 -19.65 -9.33
CA ARG B 45 33.18 -20.09 -10.64
C ARG B 45 33.88 -21.35 -11.12
N GLY B 46 33.29 -21.99 -12.11
CA GLY B 46 33.86 -23.20 -12.65
C GLY B 46 32.92 -23.96 -13.55
N VAL B 47 33.26 -25.21 -13.82
CA VAL B 47 32.43 -26.05 -14.66
C VAL B 47 32.02 -27.29 -13.86
N VAL B 48 30.75 -27.66 -13.97
CA VAL B 48 30.21 -28.83 -13.29
C VAL B 48 29.94 -29.88 -14.34
N THR B 49 30.26 -31.14 -14.04
CA THR B 49 30.05 -32.23 -14.99
C THR B 49 29.25 -33.29 -14.27
N ALA B 50 28.22 -33.78 -14.92
CA ALA B 50 27.37 -34.79 -14.32
C ALA B 50 27.36 -36.02 -15.21
N ILE B 51 27.72 -37.17 -14.63
CA ILE B 51 27.78 -38.42 -15.38
C ILE B 51 26.97 -39.51 -14.67
N PRO B 52 25.81 -39.88 -15.24
CA PRO B 52 25.00 -40.92 -14.59
C PRO B 52 25.65 -42.30 -14.66
N ASP B 53 25.44 -43.09 -13.61
CA ASP B 53 25.97 -44.44 -13.55
C ASP B 53 24.77 -45.35 -13.27
N ILE B 54 24.21 -45.90 -14.34
CA ILE B 54 23.05 -46.78 -14.24
C ILE B 54 23.28 -47.99 -13.35
N ALA B 55 24.46 -48.59 -13.49
CA ALA B 55 24.82 -49.78 -12.72
C ALA B 55 24.68 -49.59 -11.22
N ARG B 56 25.08 -48.42 -10.73
CA ARG B 56 25.02 -48.10 -9.31
C ARG B 56 23.83 -47.23 -8.86
N HIS B 57 22.99 -46.78 -9.80
CA HIS B 57 21.84 -45.92 -9.46
C HIS B 57 22.48 -44.69 -8.79
N THR B 58 23.48 -44.14 -9.47
CA THR B 58 24.24 -43.02 -8.94
C THR B 58 24.55 -41.95 -9.97
N LEU B 59 24.82 -40.75 -9.52
CA LEU B 59 25.17 -39.67 -10.43
C LEU B 59 26.53 -39.18 -9.94
N HIS B 60 27.49 -39.12 -10.84
CA HIS B 60 28.84 -38.67 -10.49
C HIS B 60 28.99 -37.20 -10.90
N ILE B 61 29.44 -36.38 -9.95
CA ILE B 61 29.61 -34.96 -10.19
C ILE B 61 31.07 -34.55 -10.08
N ASN B 62 31.53 -33.81 -11.07
CA ASN B 62 32.90 -33.31 -11.04
C ASN B 62 32.86 -31.78 -11.05
N LEU B 63 33.60 -31.18 -10.13
CA LEU B 63 33.68 -29.72 -10.06
C LEU B 63 35.07 -29.25 -10.42
N SER B 64 35.18 -28.20 -11.22
CA SER B 64 36.48 -27.66 -11.57
C SER B 64 37.01 -26.97 -10.32
N ALA B 65 38.33 -26.80 -10.25
CA ALA B 65 39.01 -26.19 -9.10
C ALA B 65 38.35 -24.98 -8.44
N GLY B 66 37.73 -24.12 -9.24
CA GLY B 66 37.11 -22.92 -8.70
C GLY B 66 35.86 -23.10 -7.86
N LEU B 67 35.20 -24.26 -7.94
CA LEU B 67 33.98 -24.48 -7.18
C LEU B 67 34.10 -25.35 -5.91
N GLU B 68 35.31 -25.85 -5.63
CA GLU B 68 35.49 -26.70 -4.45
C GLU B 68 35.08 -26.08 -3.10
N PRO B 69 35.31 -24.77 -2.90
CA PRO B 69 34.95 -24.14 -1.63
C PRO B 69 33.45 -24.20 -1.34
N VAL B 70 32.67 -24.28 -2.41
CA VAL B 70 31.20 -24.36 -2.30
C VAL B 70 30.70 -25.61 -2.99
N ALA B 71 31.44 -26.70 -2.80
CA ALA B 71 31.10 -27.98 -3.40
C ALA B 71 29.70 -28.44 -3.02
N ALA B 72 29.37 -28.39 -1.73
CA ALA B 72 28.06 -28.84 -1.28
C ALA B 72 26.90 -28.10 -1.95
N GLU B 73 27.02 -26.79 -2.12
CA GLU B 73 25.94 -26.03 -2.74
C GLU B 73 25.80 -26.46 -4.19
N CYS B 74 26.93 -26.81 -4.81
CA CYS B 74 26.92 -27.26 -6.20
C CYS B 74 26.24 -28.63 -6.27
N LEU B 75 26.50 -29.48 -5.28
CA LEU B 75 25.87 -30.79 -5.27
C LEU B 75 24.36 -30.61 -5.15
N ALA B 76 23.93 -29.71 -4.26
CA ALA B 76 22.51 -29.41 -4.07
C ALA B 76 21.88 -28.88 -5.34
N LYS B 77 22.61 -28.05 -6.09
CA LYS B 77 22.05 -27.51 -7.34
C LYS B 77 21.77 -28.64 -8.33
N MET B 78 22.71 -29.56 -8.45
CA MET B 78 22.57 -30.69 -9.35
C MET B 78 21.42 -31.61 -8.91
N SER B 79 21.24 -31.79 -7.61
CA SER B 79 20.16 -32.68 -7.17
C SER B 79 18.80 -32.04 -7.47
N ARG B 80 18.74 -30.72 -7.52
CA ARG B 80 17.48 -30.04 -7.84
C ARG B 80 17.21 -30.03 -9.34
N LEU B 81 18.26 -30.05 -10.15
CA LEU B 81 18.12 -30.05 -11.60
C LEU B 81 17.69 -31.42 -12.11
N PHE B 82 18.17 -32.47 -11.46
CA PHE B 82 17.84 -33.82 -11.89
C PHE B 82 16.82 -34.55 -11.03
N ASP B 83 16.13 -33.82 -10.15
CA ASP B 83 15.07 -34.43 -9.35
C ASP B 83 15.48 -35.76 -8.70
N LEU B 84 16.66 -35.80 -8.08
CA LEU B 84 17.16 -37.02 -7.44
C LEU B 84 16.32 -37.44 -6.24
N GLN B 85 15.53 -36.50 -5.71
CA GLN B 85 14.70 -36.79 -4.56
C GLN B 85 13.51 -37.70 -4.87
N CYS B 86 13.03 -37.63 -6.11
CA CYS B 86 11.86 -38.39 -6.53
C CYS B 86 11.81 -39.89 -6.23
N ASN B 87 10.65 -40.30 -5.73
CA ASN B 87 10.40 -41.70 -5.45
C ASN B 87 9.34 -42.10 -6.48
N PRO B 88 9.77 -42.70 -7.59
CA PRO B 88 8.82 -43.09 -8.64
C PRO B 88 7.71 -44.05 -8.23
N GLN B 89 7.97 -44.91 -7.25
CA GLN B 89 6.93 -45.83 -6.82
C GLN B 89 5.75 -45.04 -6.26
N ILE B 90 6.05 -43.97 -5.53
CA ILE B 90 4.97 -43.16 -4.97
C ILE B 90 4.24 -42.39 -6.05
N VAL B 91 4.98 -41.70 -6.91
CA VAL B 91 4.34 -40.94 -7.96
C VAL B 91 3.53 -41.79 -8.92
N ASN B 92 4.11 -42.90 -9.37
CA ASN B 92 3.42 -43.78 -10.30
C ASN B 92 2.24 -44.49 -9.66
N GLY B 93 2.36 -44.78 -8.37
CA GLY B 93 1.25 -45.43 -7.69
C GLY B 93 0.03 -44.55 -7.80
N ALA B 94 0.22 -43.25 -7.60
CA ALA B 94 -0.87 -42.28 -7.66
C ALA B 94 -1.34 -41.93 -9.07
N LEU B 95 -0.39 -41.73 -9.99
CA LEU B 95 -0.73 -41.38 -11.37
C LEU B 95 -1.39 -42.51 -12.14
N GLY B 96 -1.30 -43.74 -11.63
CA GLY B 96 -1.93 -44.86 -12.30
C GLY B 96 -1.38 -45.17 -13.69
N ARG B 97 -2.28 -45.43 -14.63
CA ARG B 97 -1.90 -45.79 -16.00
C ARG B 97 -1.18 -44.67 -16.74
N LEU B 98 -1.46 -43.43 -16.37
CA LEU B 98 -0.87 -42.28 -17.01
C LEU B 98 0.66 -42.31 -17.13
N GLY B 99 1.33 -42.80 -16.11
CA GLY B 99 2.78 -42.85 -16.16
C GLY B 99 3.37 -44.23 -16.45
N ALA B 100 2.50 -45.23 -16.52
CA ALA B 100 2.90 -46.62 -16.77
C ALA B 100 3.88 -46.84 -17.91
N ALA B 101 3.77 -46.03 -18.96
CA ALA B 101 4.65 -46.16 -20.12
C ALA B 101 6.09 -45.70 -19.90
N ARG B 102 6.27 -44.70 -19.06
CA ARG B 102 7.61 -44.15 -18.77
C ARG B 102 7.71 -43.89 -17.27
N PRO B 103 7.83 -44.94 -16.46
CA PRO B 103 7.92 -44.80 -15.02
C PRO B 103 9.18 -44.08 -14.54
N GLY B 104 10.13 -43.84 -15.45
CA GLY B 104 11.36 -43.17 -15.08
C GLY B 104 11.39 -41.68 -15.33
N LEU B 105 10.24 -41.14 -15.73
CA LEU B 105 10.10 -39.71 -15.99
C LEU B 105 10.48 -38.91 -14.72
N ARG B 106 11.20 -37.79 -14.88
CA ARG B 106 11.58 -36.94 -13.74
C ARG B 106 11.24 -35.49 -14.07
N LEU B 107 11.21 -34.64 -13.05
CA LEU B 107 10.91 -33.23 -13.26
C LEU B 107 12.21 -32.42 -13.45
N PRO B 108 12.47 -31.92 -14.65
CA PRO B 108 13.69 -31.15 -14.91
C PRO B 108 13.62 -29.83 -14.18
N GLY B 109 14.57 -29.60 -13.27
CA GLY B 109 14.56 -28.36 -12.52
C GLY B 109 15.50 -27.33 -13.12
N CYS B 110 16.23 -26.64 -12.26
CA CYS B 110 17.17 -25.64 -12.71
C CYS B 110 18.22 -25.53 -11.65
N VAL B 111 19.30 -24.85 -11.98
CA VAL B 111 20.38 -24.66 -11.04
C VAL B 111 20.29 -23.29 -10.35
N ASP B 112 19.29 -22.50 -10.76
CA ASP B 112 19.11 -21.16 -10.20
C ASP B 112 17.80 -20.55 -10.71
N ALA B 113 16.94 -20.16 -9.78
CA ALA B 113 15.63 -19.59 -10.11
C ALA B 113 15.69 -18.32 -10.98
N PHE B 114 16.63 -17.43 -10.70
CA PHE B 114 16.75 -16.23 -11.51
C PHE B 114 16.91 -16.66 -12.97
N GLU B 115 17.94 -17.45 -13.24
CA GLU B 115 18.22 -17.93 -14.58
C GLU B 115 17.00 -18.52 -15.19
N GLN B 116 16.30 -19.36 -14.41
CA GLN B 116 15.10 -20.01 -14.91
C GLN B 116 14.02 -19.01 -15.24
N GLY B 117 13.91 -17.96 -14.44
CA GLY B 117 12.90 -16.95 -14.74
C GLY B 117 13.24 -16.29 -16.08
N VAL B 118 14.52 -16.00 -16.27
CA VAL B 118 14.97 -15.38 -17.51
C VAL B 118 14.64 -16.27 -18.70
N ARG B 119 14.83 -17.57 -18.48
CA ARG B 119 14.59 -18.55 -19.53
C ARG B 119 13.12 -18.74 -19.82
N ALA B 120 12.30 -18.69 -18.78
CA ALA B 120 10.84 -18.85 -18.92
C ALA B 120 10.29 -17.69 -19.71
N ILE B 121 10.86 -16.51 -19.50
CA ILE B 121 10.45 -15.31 -20.20
C ILE B 121 10.87 -15.34 -21.68
N LEU B 122 12.13 -15.69 -21.95
CA LEU B 122 12.60 -15.74 -23.34
C LEU B 122 11.97 -16.87 -24.14
N GLY B 123 11.27 -17.75 -23.46
CA GLY B 123 10.63 -18.86 -24.14
C GLY B 123 9.19 -18.56 -24.53
N GLN B 124 8.76 -17.32 -24.27
CA GLN B 124 7.39 -16.91 -24.57
C GLN B 124 7.13 -16.77 -26.06
N LEU B 125 6.07 -17.41 -26.52
CA LEU B 125 5.63 -17.35 -27.90
C LEU B 125 6.71 -17.60 -28.96
N VAL B 126 7.59 -18.58 -28.70
CA VAL B 126 8.64 -18.93 -29.65
C VAL B 126 9.00 -20.42 -29.54
N SER B 127 9.71 -20.94 -30.53
CA SER B 127 10.08 -22.36 -30.52
C SER B 127 11.25 -22.61 -29.56
N VAL B 128 11.25 -23.80 -28.95
CA VAL B 128 12.31 -24.18 -28.03
C VAL B 128 13.68 -23.79 -28.59
N ALA B 129 13.91 -24.10 -29.87
CA ALA B 129 15.16 -23.78 -30.54
C ALA B 129 15.47 -22.28 -30.61
N MET B 130 14.46 -21.46 -30.84
CA MET B 130 14.65 -20.01 -30.92
C MET B 130 14.97 -19.47 -29.54
N ALA B 131 14.18 -19.88 -28.56
CA ALA B 131 14.39 -19.45 -27.19
C ALA B 131 15.80 -19.81 -26.80
N ALA B 132 16.24 -20.99 -27.23
CA ALA B 132 17.58 -21.46 -26.91
C ALA B 132 18.64 -20.53 -27.47
N LYS B 133 18.55 -20.23 -28.77
CA LYS B 133 19.52 -19.35 -29.41
C LYS B 133 19.41 -17.94 -28.88
N LEU B 134 18.18 -17.51 -28.60
CA LEU B 134 17.96 -16.18 -28.08
C LEU B 134 18.68 -16.01 -26.75
N THR B 135 18.48 -16.97 -25.85
CA THR B 135 19.14 -16.92 -24.54
C THR B 135 20.65 -16.88 -24.67
N ALA B 136 21.18 -17.60 -25.65
CA ALA B 136 22.62 -17.64 -25.88
C ALA B 136 23.17 -16.25 -26.15
N ARG B 137 22.44 -15.47 -26.95
CA ARG B 137 22.88 -14.12 -27.27
C ARG B 137 22.96 -13.29 -26.00
N VAL B 138 21.93 -13.38 -25.16
CA VAL B 138 21.92 -12.64 -23.91
C VAL B 138 23.10 -13.08 -23.06
N ALA B 139 23.39 -14.38 -23.11
CA ALA B 139 24.48 -14.94 -22.33
C ALA B 139 25.83 -14.32 -22.71
N GLN B 140 26.19 -14.42 -23.97
CA GLN B 140 27.47 -13.90 -24.43
C GLN B 140 27.60 -12.39 -24.19
N LEU B 141 26.50 -11.68 -24.38
CA LEU B 141 26.48 -10.24 -24.22
C LEU B 141 26.62 -9.75 -22.78
N TYR B 142 26.23 -10.56 -21.80
CA TYR B 142 26.30 -10.13 -20.39
C TYR B 142 26.90 -11.12 -19.40
N GLY B 143 27.38 -12.27 -19.88
CA GLY B 143 27.94 -13.26 -18.97
C GLY B 143 29.38 -13.07 -18.56
N GLU B 144 29.82 -13.85 -17.57
CA GLU B 144 31.19 -13.81 -17.07
C GLU B 144 31.96 -15.01 -17.64
N ARG B 145 32.89 -14.72 -18.54
CA ARG B 145 33.72 -15.74 -19.17
C ARG B 145 34.68 -16.40 -18.18
N LEU B 146 34.69 -17.73 -18.17
CA LEU B 146 35.58 -18.47 -17.28
C LEU B 146 37.00 -18.45 -17.84
N ASP B 147 37.97 -18.02 -17.02
CA ASP B 147 39.36 -17.96 -17.46
C ASP B 147 39.96 -19.35 -17.68
N ASP B 148 39.63 -20.27 -16.79
CA ASP B 148 40.15 -21.64 -16.89
C ASP B 148 39.53 -22.47 -18.02
N PHE B 149 38.35 -22.06 -18.50
CA PHE B 149 37.65 -22.77 -19.57
C PHE B 149 36.97 -21.77 -20.51
N PRO B 150 37.79 -21.10 -21.32
CA PRO B 150 37.43 -20.09 -22.31
C PRO B 150 36.15 -20.27 -23.09
N GLU B 151 35.77 -21.51 -23.38
CA GLU B 151 34.55 -21.70 -24.17
C GLU B 151 33.27 -21.67 -23.33
N TYR B 152 33.42 -21.54 -22.02
CA TYR B 152 32.28 -21.49 -21.12
C TYR B 152 32.05 -20.12 -20.51
N ILE B 153 30.79 -19.70 -20.53
CA ILE B 153 30.42 -18.43 -19.94
C ILE B 153 29.35 -18.67 -18.88
N CYS B 154 29.45 -17.96 -17.75
CA CYS B 154 28.47 -18.08 -16.68
C CYS B 154 27.23 -17.29 -17.08
N PHE B 155 26.05 -17.78 -16.68
CA PHE B 155 24.81 -17.09 -17.00
C PHE B 155 24.86 -15.71 -16.33
N PRO B 156 24.31 -14.67 -17.00
CA PRO B 156 24.26 -13.27 -16.52
C PRO B 156 23.71 -13.14 -15.11
N THR B 157 24.38 -12.33 -14.30
CA THR B 157 23.96 -12.10 -12.92
C THR B 157 22.81 -11.07 -12.90
N PRO B 158 21.98 -11.10 -11.85
CA PRO B 158 20.87 -10.13 -11.77
C PRO B 158 21.47 -8.72 -11.84
N GLN B 159 22.69 -8.62 -11.32
CA GLN B 159 23.48 -7.39 -11.29
C GLN B 159 23.57 -6.77 -12.68
N ARG B 160 24.23 -7.53 -13.56
CA ARG B 160 24.48 -7.14 -14.92
C ARG B 160 23.23 -6.89 -15.77
N LEU B 161 22.20 -7.72 -15.58
CA LEU B 161 20.97 -7.57 -16.36
C LEU B 161 20.07 -6.45 -15.86
N ALA B 162 20.34 -5.98 -14.65
CA ALA B 162 19.53 -4.91 -14.07
C ALA B 162 19.96 -3.56 -14.66
N ALA B 163 21.23 -3.45 -15.02
CA ALA B 163 21.79 -2.23 -15.58
C ALA B 163 21.99 -2.35 -17.09
N ALA B 164 21.15 -3.15 -17.73
CA ALA B 164 21.27 -3.32 -19.18
C ALA B 164 20.36 -2.35 -19.91
N ASP B 165 20.74 -2.01 -21.14
CA ASP B 165 19.96 -1.09 -21.97
C ASP B 165 18.81 -1.86 -22.62
N PRO B 166 17.57 -1.47 -22.32
CA PRO B 166 16.38 -2.13 -22.87
C PRO B 166 16.41 -2.29 -24.39
N GLN B 167 17.26 -1.50 -25.06
CA GLN B 167 17.35 -1.57 -26.51
C GLN B 167 18.39 -2.61 -26.92
N ALA B 168 19.56 -2.57 -26.28
CA ALA B 168 20.63 -3.52 -26.59
C ALA B 168 20.13 -4.95 -26.52
N LEU B 169 19.05 -5.17 -25.77
CA LEU B 169 18.45 -6.48 -25.61
C LEU B 169 17.42 -6.70 -26.71
N LYS B 170 16.60 -5.69 -26.98
CA LYS B 170 15.62 -5.84 -28.04
C LYS B 170 16.38 -6.23 -29.31
N ALA B 171 17.49 -5.55 -29.52
CA ALA B 171 18.34 -5.79 -30.68
C ALA B 171 18.59 -7.28 -30.91
N LEU B 172 18.88 -8.00 -29.83
CA LEU B 172 19.17 -9.43 -29.91
C LEU B 172 18.01 -10.26 -30.45
N GLY B 173 16.81 -9.70 -30.43
CA GLY B 173 15.68 -10.45 -30.95
C GLY B 173 14.48 -10.58 -30.03
N MET B 174 14.02 -9.47 -29.46
CA MET B 174 12.87 -9.51 -28.58
C MET B 174 12.18 -8.16 -28.50
N PRO B 175 10.84 -8.17 -28.34
CA PRO B 175 10.07 -6.92 -28.25
C PRO B 175 10.66 -6.05 -27.14
N LEU B 176 10.15 -4.83 -27.01
CA LEU B 176 10.66 -3.93 -25.98
C LEU B 176 10.17 -4.38 -24.62
N LYS B 177 8.90 -4.77 -24.54
CA LYS B 177 8.31 -5.21 -23.28
C LYS B 177 8.94 -6.48 -22.73
N ARG B 178 9.52 -7.27 -23.63
CA ARG B 178 10.18 -8.52 -23.27
C ARG B 178 11.46 -8.19 -22.52
N ALA B 179 12.16 -7.18 -23.03
CA ALA B 179 13.41 -6.72 -22.44
C ALA B 179 13.18 -6.00 -21.12
N GLU B 180 12.02 -5.36 -20.98
CA GLU B 180 11.74 -4.66 -19.75
C GLU B 180 11.45 -5.72 -18.70
N ALA B 181 10.73 -6.75 -19.12
CA ALA B 181 10.38 -7.85 -18.22
C ALA B 181 11.63 -8.46 -17.59
N LEU B 182 12.69 -8.61 -18.39
CA LEU B 182 13.94 -9.17 -17.87
C LEU B 182 14.56 -8.19 -16.89
N ILE B 183 14.66 -6.93 -17.32
CA ILE B 183 15.25 -5.91 -16.48
C ILE B 183 14.51 -5.79 -15.15
N HIS B 184 13.20 -5.95 -15.18
CA HIS B 184 12.45 -5.88 -13.94
C HIS B 184 12.78 -7.09 -13.06
N LEU B 185 12.76 -8.28 -13.66
CA LEU B 185 13.04 -9.51 -12.93
C LEU B 185 14.40 -9.41 -12.26
N ALA B 186 15.37 -8.88 -12.99
CA ALA B 186 16.71 -8.76 -12.44
C ALA B 186 16.70 -7.90 -11.19
N ASN B 187 16.01 -6.76 -11.25
CA ASN B 187 15.97 -5.90 -10.08
C ASN B 187 15.35 -6.63 -8.92
N ALA B 188 14.24 -7.32 -9.16
CA ALA B 188 13.58 -8.08 -8.12
C ALA B 188 14.57 -9.08 -7.50
N ALA B 189 15.37 -9.74 -8.33
CA ALA B 189 16.35 -10.70 -7.84
C ALA B 189 17.44 -10.04 -7.02
N LEU B 190 17.72 -8.78 -7.31
CA LEU B 190 18.75 -8.06 -6.58
C LEU B 190 18.38 -7.78 -5.14
N GLU B 191 17.13 -7.42 -4.87
CA GLU B 191 16.74 -7.13 -3.50
C GLU B 191 15.99 -8.27 -2.78
N GLY B 192 15.86 -9.41 -3.43
CA GLY B 192 15.20 -10.53 -2.79
C GLY B 192 13.70 -10.58 -2.91
N THR B 193 13.14 -10.01 -3.98
CA THR B 193 11.70 -10.02 -4.18
C THR B 193 11.25 -11.22 -5.02
N LEU B 194 12.22 -11.89 -5.66
CA LEU B 194 11.92 -13.08 -6.46
C LEU B 194 12.30 -14.26 -5.58
N PRO B 195 11.32 -15.11 -5.22
CA PRO B 195 11.63 -16.27 -4.37
C PRO B 195 12.64 -17.20 -5.04
N MET B 196 13.77 -17.43 -4.39
CA MET B 196 14.79 -18.30 -4.96
C MET B 196 14.60 -19.78 -4.65
N THR B 197 13.77 -20.09 -3.66
CA THR B 197 13.49 -21.47 -3.31
C THR B 197 11.97 -21.55 -3.10
N ILE B 198 11.39 -22.73 -3.31
CA ILE B 198 9.95 -22.89 -3.18
C ILE B 198 9.32 -22.45 -1.87
N PRO B 199 8.31 -21.57 -1.96
CA PRO B 199 7.56 -21.04 -0.81
C PRO B 199 6.49 -22.00 -0.31
N GLY B 200 6.07 -21.82 0.94
CA GLY B 200 5.05 -22.68 1.52
C GLY B 200 3.70 -22.61 0.81
N ASP B 201 3.38 -21.45 0.25
CA ASP B 201 2.12 -21.27 -0.46
C ASP B 201 2.43 -20.96 -1.91
N VAL B 202 2.55 -22.00 -2.73
CA VAL B 202 2.86 -21.84 -4.13
C VAL B 202 1.78 -21.05 -4.86
N GLU B 203 0.53 -21.31 -4.50
CA GLU B 203 -0.61 -20.61 -5.11
C GLU B 203 -0.46 -19.10 -4.97
N GLN B 204 -0.25 -18.65 -3.75
CA GLN B 204 -0.11 -17.23 -3.47
C GLN B 204 1.13 -16.63 -4.13
N ALA B 205 2.27 -17.31 -4.01
CA ALA B 205 3.51 -16.78 -4.58
C ALA B 205 3.38 -16.57 -6.09
N MET B 206 2.63 -17.45 -6.77
CA MET B 206 2.44 -17.30 -8.20
C MET B 206 1.56 -16.08 -8.50
N LYS B 207 0.61 -15.81 -7.62
CA LYS B 207 -0.27 -14.67 -7.80
C LYS B 207 0.61 -13.42 -7.81
N THR B 208 1.46 -13.26 -6.79
CA THR B 208 2.34 -12.10 -6.73
C THR B 208 3.20 -12.00 -7.99
N LEU B 209 3.76 -13.12 -8.43
CA LEU B 209 4.60 -13.12 -9.61
C LEU B 209 3.87 -12.56 -10.82
N GLN B 210 2.58 -12.87 -10.94
CA GLN B 210 1.79 -12.39 -12.07
C GLN B 210 1.62 -10.88 -12.09
N THR B 211 1.99 -10.18 -11.02
CA THR B 211 1.88 -8.73 -11.00
C THR B 211 3.14 -8.14 -11.64
N PHE B 212 4.07 -9.00 -12.00
CA PHE B 212 5.32 -8.56 -12.62
C PHE B 212 5.05 -8.19 -14.07
N PRO B 213 5.80 -7.22 -14.61
CA PRO B 213 5.55 -6.88 -16.01
C PRO B 213 6.13 -7.96 -16.89
N GLY B 214 5.33 -8.45 -17.84
CA GLY B 214 5.81 -9.49 -18.74
C GLY B 214 5.60 -10.90 -18.22
N ILE B 215 5.02 -11.01 -17.03
CA ILE B 215 4.78 -12.33 -16.44
C ILE B 215 3.31 -12.60 -16.21
N GLY B 216 2.73 -13.45 -17.04
CA GLY B 216 1.32 -13.81 -16.88
C GLY B 216 1.16 -15.15 -16.17
N ARG B 217 -0.03 -15.73 -16.23
CA ARG B 217 -0.29 -17.00 -15.56
C ARG B 217 0.55 -18.16 -16.11
N TRP B 218 0.79 -18.17 -17.41
CA TRP B 218 1.58 -19.24 -18.01
C TRP B 218 3.01 -19.18 -17.48
N THR B 219 3.69 -18.07 -17.74
CA THR B 219 5.06 -17.89 -17.27
C THR B 219 5.17 -18.21 -15.77
N ALA B 220 4.26 -17.67 -14.96
CA ALA B 220 4.31 -17.93 -13.53
C ALA B 220 4.19 -19.42 -13.16
N ASN B 221 3.36 -20.16 -13.88
CA ASN B 221 3.23 -21.58 -13.60
C ASN B 221 4.50 -22.31 -14.03
N TYR B 222 4.93 -22.07 -15.26
CA TYR B 222 6.13 -22.71 -15.78
C TYR B 222 7.30 -22.41 -14.87
N PHE B 223 7.35 -21.20 -14.32
CA PHE B 223 8.43 -20.82 -13.45
C PHE B 223 8.40 -21.60 -12.14
N ALA B 224 7.20 -21.85 -11.62
CA ALA B 224 7.05 -22.59 -10.37
C ALA B 224 7.48 -24.05 -10.57
N LEU B 225 7.07 -24.61 -11.70
CA LEU B 225 7.39 -25.99 -12.05
C LEU B 225 8.89 -26.27 -12.19
N ARG B 226 9.60 -25.43 -12.94
CA ARG B 226 11.03 -25.59 -13.17
C ARG B 226 11.92 -24.86 -12.18
N GLY B 227 11.60 -23.60 -11.90
CA GLY B 227 12.40 -22.83 -10.97
C GLY B 227 12.30 -23.24 -9.51
N TRP B 228 11.11 -23.61 -9.05
CA TRP B 228 10.96 -24.02 -7.65
C TRP B 228 10.79 -25.52 -7.52
N GLN B 229 10.64 -26.20 -8.66
CA GLN B 229 10.41 -27.63 -8.70
C GLN B 229 9.13 -27.99 -7.95
N ALA B 230 8.12 -27.12 -8.02
CA ALA B 230 6.84 -27.38 -7.38
C ALA B 230 6.29 -28.62 -8.09
N LYS B 231 5.82 -29.59 -7.31
CA LYS B 231 5.34 -30.83 -7.90
C LYS B 231 3.84 -30.93 -8.20
N ASP B 232 3.06 -29.96 -7.74
CA ASP B 232 1.63 -30.04 -7.99
C ASP B 232 1.02 -28.87 -8.75
N VAL B 233 1.67 -28.45 -9.84
CA VAL B 233 1.16 -27.36 -10.67
C VAL B 233 0.87 -27.88 -12.07
N PHE B 234 -0.17 -27.33 -12.72
CA PHE B 234 -0.53 -27.75 -14.07
C PHE B 234 -0.50 -26.51 -14.96
N LEU B 235 -0.42 -26.70 -16.27
CA LEU B 235 -0.36 -25.56 -17.19
C LEU B 235 -1.49 -25.55 -18.20
N PRO B 236 -2.71 -25.25 -17.74
CA PRO B 236 -3.85 -25.22 -18.68
C PRO B 236 -3.74 -24.22 -19.83
N ASP B 237 -2.95 -23.16 -19.65
CA ASP B 237 -2.81 -22.14 -20.68
C ASP B 237 -1.71 -22.46 -21.67
N ASP B 238 -1.07 -23.62 -21.51
CA ASP B 238 0.00 -24.00 -22.42
C ASP B 238 -0.58 -24.32 -23.80
N TYR B 239 0.07 -23.84 -24.86
CA TYR B 239 -0.42 -24.09 -26.20
C TYR B 239 -0.65 -25.58 -26.44
N LEU B 240 0.41 -26.35 -26.23
CA LEU B 240 0.40 -27.80 -26.43
C LEU B 240 -0.60 -28.50 -25.52
N ILE B 241 -0.76 -28.02 -24.30
CA ILE B 241 -1.72 -28.65 -23.39
C ILE B 241 -3.12 -28.54 -23.95
N LYS B 242 -3.42 -27.43 -24.61
CA LYS B 242 -4.74 -27.23 -25.20
C LYS B 242 -5.03 -28.22 -26.31
N GLN B 243 -3.98 -28.66 -27.01
CA GLN B 243 -4.14 -29.63 -28.09
C GLN B 243 -4.39 -31.02 -27.52
N ARG B 244 -3.77 -31.31 -26.38
CA ARG B 244 -3.94 -32.61 -25.71
C ARG B 244 -5.34 -32.70 -25.11
N PHE B 245 -6.00 -31.56 -24.95
CA PHE B 245 -7.35 -31.51 -24.40
C PHE B 245 -8.26 -30.82 -25.42
N PRO B 246 -8.50 -31.47 -26.57
CA PRO B 246 -9.34 -30.88 -27.62
C PRO B 246 -10.61 -30.21 -27.09
N GLY B 247 -10.81 -28.97 -27.51
CA GLY B 247 -11.98 -28.23 -27.10
C GLY B 247 -11.81 -27.55 -25.75
N MET B 248 -12.08 -28.29 -24.69
CA MET B 248 -11.99 -27.83 -23.30
C MET B 248 -11.34 -26.48 -23.03
N THR B 249 -11.87 -25.79 -22.01
CA THR B 249 -11.37 -24.49 -21.61
C THR B 249 -10.52 -24.62 -20.35
N PRO B 250 -9.61 -23.66 -20.14
CA PRO B 250 -8.71 -23.62 -18.97
C PRO B 250 -9.28 -24.15 -17.66
N ALA B 251 -10.47 -23.70 -17.30
CA ALA B 251 -11.08 -24.14 -16.05
C ALA B 251 -11.50 -25.60 -16.07
N GLN B 252 -11.78 -26.10 -17.27
CA GLN B 252 -12.21 -27.48 -17.43
C GLN B 252 -11.02 -28.43 -17.38
N ILE B 253 -9.93 -28.01 -18.00
CA ILE B 253 -8.70 -28.79 -18.01
C ILE B 253 -8.24 -28.90 -16.57
N ARG B 254 -8.13 -27.73 -15.95
CA ARG B 254 -7.73 -27.60 -14.56
C ARG B 254 -8.56 -28.53 -13.68
N ARG B 255 -9.87 -28.54 -13.93
CA ARG B 255 -10.81 -29.37 -13.16
C ARG B 255 -10.52 -30.86 -13.38
N TYR B 256 -10.16 -31.20 -14.61
CA TYR B 256 -9.88 -32.59 -14.94
C TYR B 256 -8.53 -32.98 -14.33
N ALA B 257 -7.59 -32.04 -14.32
CA ALA B 257 -6.26 -32.32 -13.79
C ALA B 257 -6.31 -32.61 -12.29
N GLU B 258 -7.37 -32.17 -11.62
CA GLU B 258 -7.51 -32.39 -10.17
C GLU B 258 -7.29 -33.84 -9.74
N ARG B 259 -7.60 -34.80 -10.62
CA ARG B 259 -7.48 -36.21 -10.29
C ARG B 259 -6.05 -36.70 -10.03
N TRP B 260 -5.06 -35.90 -10.41
CA TRP B 260 -3.67 -36.29 -10.22
C TRP B 260 -2.98 -35.62 -9.05
N LYS B 261 -3.74 -34.85 -8.26
CA LYS B 261 -3.16 -34.20 -7.11
C LYS B 261 -2.64 -35.33 -6.20
N PRO B 262 -1.54 -35.11 -5.48
CA PRO B 262 -0.71 -33.91 -5.41
C PRO B 262 0.52 -33.96 -6.30
N TRP B 263 0.40 -34.65 -7.42
CA TRP B 263 1.52 -34.78 -8.35
C TRP B 263 1.20 -34.29 -9.74
N ARG B 264 0.50 -33.17 -9.84
CA ARG B 264 0.11 -32.64 -11.15
C ARG B 264 1.25 -32.25 -12.04
N SER B 265 2.37 -31.82 -11.47
CA SER B 265 3.52 -31.45 -12.30
C SER B 265 3.99 -32.66 -13.09
N TYR B 266 4.05 -33.82 -12.42
CA TYR B 266 4.48 -35.06 -13.07
C TYR B 266 3.45 -35.45 -14.13
N ALA B 267 2.17 -35.35 -13.78
CA ALA B 267 1.13 -35.70 -14.74
C ALA B 267 1.31 -34.83 -15.99
N LEU B 268 1.57 -33.55 -15.76
CA LEU B 268 1.77 -32.61 -16.86
C LEU B 268 2.83 -33.11 -17.84
N LEU B 269 4.00 -33.47 -17.30
CA LEU B 269 5.10 -33.96 -18.13
C LEU B 269 4.69 -35.19 -18.92
N HIS B 270 4.02 -36.15 -18.27
CA HIS B 270 3.60 -37.33 -19.00
C HIS B 270 2.68 -37.01 -20.19
N ILE B 271 1.81 -36.01 -20.03
CA ILE B 271 0.87 -35.62 -21.08
C ILE B 271 1.55 -34.89 -22.25
N TRP B 272 2.49 -34.02 -21.91
CA TRP B 272 3.26 -33.26 -22.87
C TRP B 272 4.02 -34.19 -23.82
N TYR B 273 4.59 -35.25 -23.26
CA TYR B 273 5.39 -36.20 -24.03
C TYR B 273 4.71 -37.49 -24.44
N THR B 274 3.39 -37.45 -24.53
CA THR B 274 2.62 -38.60 -24.97
C THR B 274 1.76 -38.11 -26.13
N GLU B 275 2.27 -38.28 -27.34
CA GLU B 275 1.62 -37.85 -28.58
C GLU B 275 0.10 -37.91 -28.60
N GLY B 276 -0.44 -39.08 -28.95
CA GLY B 276 -1.88 -39.21 -29.05
C GLY B 276 -2.68 -39.30 -27.76
N TRP B 277 -2.20 -38.68 -26.68
CA TRP B 277 -2.93 -38.74 -25.43
C TRP B 277 -4.18 -37.88 -25.55
N GLN B 278 -5.25 -38.33 -24.93
CA GLN B 278 -6.51 -37.59 -24.94
C GLN B 278 -7.28 -38.00 -23.70
N PRO B 279 -8.02 -37.05 -23.11
CA PRO B 279 -8.80 -37.29 -21.91
C PRO B 279 -9.82 -38.40 -22.07
N ASP B 280 -10.29 -38.95 -20.94
CA ASP B 280 -11.29 -39.99 -20.99
C ASP B 280 -12.57 -39.34 -21.49
N GLU B 281 -13.17 -39.94 -22.52
CA GLU B 281 -14.41 -39.41 -23.09
C GLU B 281 -15.55 -39.50 -22.08
N ALA B 282 -15.29 -40.19 -20.97
CA ALA B 282 -16.29 -40.38 -19.92
C ALA B 282 -16.68 -39.04 -19.29
N MET C 1 29.16 -40.67 7.31
CA MET C 1 29.07 -41.35 5.99
C MET C 1 29.48 -40.40 4.85
N TYR C 2 28.94 -39.18 4.84
CA TYR C 2 29.26 -38.17 3.83
C TYR C 2 30.40 -37.32 4.36
N THR C 3 31.27 -36.80 3.49
CA THR C 3 32.36 -35.95 3.99
C THR C 3 32.53 -34.63 3.20
N LEU C 4 32.80 -33.56 3.93
CA LEU C 4 33.02 -32.25 3.34
C LEU C 4 34.32 -31.72 3.90
N ASN C 5 35.16 -31.14 3.06
CA ASN C 5 36.44 -30.62 3.53
C ASN C 5 36.45 -29.11 3.79
N TRP C 6 37.43 -28.66 4.56
CA TRP C 6 37.56 -27.26 4.87
C TRP C 6 39.02 -26.83 4.73
N GLN C 7 39.29 -25.54 4.83
CA GLN C 7 40.64 -25.02 4.72
C GLN C 7 41.14 -24.57 6.10
N PRO C 8 42.18 -25.24 6.64
CA PRO C 8 42.73 -24.87 7.95
C PRO C 8 43.29 -23.46 7.87
N PRO C 9 43.32 -22.74 8.99
CA PRO C 9 42.88 -23.18 10.32
C PRO C 9 41.38 -22.99 10.56
N TYR C 10 40.80 -23.87 11.39
CA TYR C 10 39.39 -23.82 11.74
C TYR C 10 39.28 -24.10 13.24
N ASP C 11 38.75 -23.14 13.99
CA ASP C 11 38.61 -23.31 15.44
C ASP C 11 37.28 -23.99 15.81
N TRP C 12 37.27 -25.32 15.78
CA TRP C 12 36.07 -26.06 16.12
C TRP C 12 35.61 -25.89 17.56
N SER C 13 36.56 -25.62 18.44
CA SER C 13 36.23 -25.42 19.85
C SER C 13 35.34 -24.21 20.00
N TRP C 14 35.67 -23.14 19.28
CA TRP C 14 34.91 -21.90 19.34
C TRP C 14 33.53 -22.03 18.68
N MET C 15 33.51 -22.62 17.48
CA MET C 15 32.26 -22.81 16.74
C MET C 15 31.24 -23.58 17.57
N LEU C 16 31.65 -24.74 18.08
CA LEU C 16 30.75 -25.55 18.89
C LEU C 16 30.38 -24.80 20.16
N GLY C 17 31.32 -24.02 20.69
CA GLY C 17 31.02 -23.26 21.90
C GLY C 17 29.91 -22.26 21.61
N PHE C 18 30.07 -21.51 20.53
CA PHE C 18 29.10 -20.51 20.11
C PHE C 18 27.75 -21.19 19.91
N LEU C 19 27.74 -22.25 19.11
CA LEU C 19 26.52 -22.99 18.84
C LEU C 19 25.90 -23.64 20.05
N ALA C 20 26.72 -24.12 20.99
CA ALA C 20 26.19 -24.79 22.17
C ALA C 20 25.48 -23.83 23.12
N ALA C 21 25.98 -22.60 23.18
CA ALA C 21 25.37 -21.60 24.05
C ALA C 21 23.99 -21.23 23.54
N ARG C 22 23.76 -21.43 22.25
CA ARG C 22 22.49 -21.06 21.64
C ARG C 22 21.61 -22.24 21.25
N ALA C 23 22.03 -23.44 21.64
CA ALA C 23 21.26 -24.65 21.31
C ALA C 23 19.85 -24.64 21.90
N VAL C 24 18.90 -25.11 21.10
CA VAL C 24 17.51 -25.20 21.50
C VAL C 24 17.19 -26.64 21.88
N SER C 25 16.91 -26.84 23.16
CA SER C 25 16.62 -28.17 23.68
C SER C 25 15.54 -28.89 22.89
N SER C 26 15.79 -30.16 22.60
CA SER C 26 14.90 -31.04 21.84
C SER C 26 15.13 -30.88 20.34
N VAL C 27 15.78 -29.79 19.95
CA VAL C 27 16.07 -29.51 18.55
C VAL C 27 17.53 -29.80 18.22
N GLU C 28 18.43 -29.21 18.99
CA GLU C 28 19.86 -29.39 18.77
C GLU C 28 20.55 -30.05 19.95
N THR C 29 21.69 -30.66 19.67
CA THR C 29 22.51 -31.32 20.69
C THR C 29 23.94 -30.99 20.33
N VAL C 30 24.63 -30.30 21.22
CA VAL C 30 26.02 -29.91 20.94
C VAL C 30 27.00 -30.49 21.97
N ALA C 31 27.94 -31.30 21.48
CA ALA C 31 28.96 -31.89 22.33
C ALA C 31 30.33 -31.39 21.87
N ASP C 32 31.34 -31.56 22.72
CA ASP C 32 32.70 -31.12 22.42
C ASP C 32 33.26 -31.66 21.12
N SER C 33 32.72 -32.78 20.64
CA SER C 33 33.22 -33.41 19.43
C SER C 33 32.24 -33.54 18.26
N TYR C 34 30.98 -33.22 18.47
CA TYR C 34 30.00 -33.34 17.39
C TYR C 34 28.78 -32.43 17.56
N TYR C 35 28.06 -32.25 16.45
CA TYR C 35 26.85 -31.43 16.43
C TYR C 35 25.72 -32.27 15.82
N ALA C 36 24.52 -32.16 16.36
CA ALA C 36 23.41 -32.91 15.80
C ALA C 36 22.09 -32.23 16.08
N ARG C 37 21.18 -32.32 15.13
CA ARG C 37 19.88 -31.68 15.30
C ARG C 37 18.88 -32.24 14.36
N SER C 38 17.60 -31.89 14.59
CA SER C 38 16.53 -32.33 13.72
C SER C 38 16.66 -31.47 12.46
N LEU C 39 16.23 -31.99 11.32
CA LEU C 39 16.34 -31.25 10.09
C LEU C 39 15.15 -31.57 9.22
N ALA C 40 14.59 -30.56 8.57
CA ALA C 40 13.46 -30.78 7.70
C ALA C 40 13.72 -30.05 6.40
N VAL C 41 13.50 -30.77 5.31
CA VAL C 41 13.66 -30.21 3.97
C VAL C 41 12.37 -30.65 3.30
N GLY C 42 11.43 -29.73 3.18
CA GLY C 42 10.15 -30.09 2.59
C GLY C 42 9.46 -31.05 3.54
N GLU C 43 9.01 -32.19 3.02
CA GLU C 43 8.35 -33.20 3.85
C GLU C 43 9.32 -34.26 4.35
N TYR C 44 10.59 -34.11 4.01
CA TYR C 44 11.62 -35.05 4.44
C TYR C 44 12.10 -34.61 5.80
N ARG C 45 12.13 -35.54 6.74
CA ARG C 45 12.56 -35.20 8.09
C ARG C 45 13.48 -36.23 8.72
N GLY C 46 14.37 -35.78 9.59
CA GLY C 46 15.27 -36.68 10.25
C GLY C 46 16.27 -35.95 11.11
N VAL C 47 17.36 -36.62 11.45
CA VAL C 47 18.40 -36.04 12.26
C VAL C 47 19.72 -36.01 11.49
N VAL C 48 20.51 -34.97 11.75
CA VAL C 48 21.80 -34.80 11.10
C VAL C 48 22.89 -34.76 12.14
N THR C 49 23.96 -35.50 11.89
CA THR C 49 25.08 -35.52 12.80
C THR C 49 26.29 -35.09 12.03
N ALA C 50 27.03 -34.16 12.60
CA ALA C 50 28.23 -33.65 11.95
C ALA C 50 29.39 -33.91 12.89
N ILE C 51 30.42 -34.59 12.37
CA ILE C 51 31.59 -34.91 13.18
C ILE C 51 32.86 -34.40 12.51
N PRO C 52 33.49 -33.38 13.09
CA PRO C 52 34.73 -32.78 12.58
C PRO C 52 35.99 -33.60 12.82
N ASP C 53 36.63 -34.00 11.73
CA ASP C 53 37.86 -34.77 11.79
C ASP C 53 39.02 -33.80 11.62
N ILE C 54 39.44 -33.22 12.75
CA ILE C 54 40.54 -32.24 12.77
C ILE C 54 41.74 -32.69 11.96
N ALA C 55 42.33 -33.81 12.36
CA ALA C 55 43.52 -34.37 11.71
C ALA C 55 43.50 -34.21 10.19
N ARG C 56 42.43 -34.72 9.56
CA ARG C 56 42.30 -34.65 8.11
C ARG C 56 41.48 -33.46 7.61
N HIS C 57 41.31 -32.45 8.46
CA HIS C 57 40.51 -31.27 8.12
C HIS C 57 39.37 -31.55 7.15
N THR C 58 38.40 -32.32 7.65
CA THR C 58 37.23 -32.74 6.90
C THR C 58 36.08 -32.86 7.90
N LEU C 59 34.85 -32.72 7.41
CA LEU C 59 33.68 -32.84 8.28
C LEU C 59 32.87 -34.04 7.84
N HIS C 60 32.62 -34.95 8.78
CA HIS C 60 31.86 -36.16 8.49
C HIS C 60 30.40 -35.91 8.87
N ILE C 61 29.52 -36.10 7.87
CA ILE C 61 28.10 -35.87 8.04
C ILE C 61 27.26 -37.14 7.89
N ASN C 62 26.50 -37.47 8.93
CA ASN C 62 25.63 -38.63 8.87
C ASN C 62 24.19 -38.16 8.76
N LEU C 63 23.40 -38.81 7.92
CA LEU C 63 22.01 -38.46 7.74
C LEU C 63 21.07 -39.61 8.09
N SER C 64 20.01 -39.29 8.82
CA SER C 64 18.99 -40.25 9.20
C SER C 64 18.31 -40.70 7.89
N ALA C 65 17.80 -41.93 7.87
CA ALA C 65 17.17 -42.47 6.67
C ALA C 65 16.15 -41.54 6.00
N GLY C 66 15.39 -40.81 6.81
CA GLY C 66 14.39 -39.91 6.24
C GLY C 66 14.91 -38.76 5.39
N LEU C 67 16.15 -38.34 5.56
CA LEU C 67 16.69 -37.22 4.79
C LEU C 67 17.52 -37.65 3.58
N GLU C 68 17.81 -38.94 3.49
CA GLU C 68 18.63 -39.45 2.38
C GLU C 68 18.16 -39.01 0.96
N PRO C 69 16.84 -39.01 0.70
CA PRO C 69 16.37 -38.59 -0.63
C PRO C 69 16.78 -37.15 -0.99
N VAL C 70 17.02 -36.31 0.02
CA VAL C 70 17.45 -34.94 -0.24
C VAL C 70 18.80 -34.69 0.44
N ALA C 71 19.66 -35.71 0.34
CA ALA C 71 20.99 -35.69 0.93
C ALA C 71 21.81 -34.43 0.62
N ALA C 72 21.91 -34.09 -0.66
CA ALA C 72 22.68 -32.91 -1.08
C ALA C 72 22.22 -31.60 -0.45
N GLU C 73 20.90 -31.40 -0.36
CA GLU C 73 20.43 -30.17 0.24
C GLU C 73 20.87 -30.12 1.71
N CYS C 74 20.83 -31.25 2.40
CA CYS C 74 21.26 -31.29 3.78
C CYS C 74 22.75 -30.95 3.84
N LEU C 75 23.52 -31.48 2.90
CA LEU C 75 24.95 -31.17 2.88
C LEU C 75 25.17 -29.67 2.70
N ALA C 76 24.41 -29.04 1.80
CA ALA C 76 24.60 -27.60 1.58
C ALA C 76 24.23 -26.83 2.81
N LYS C 77 23.24 -27.31 3.55
CA LYS C 77 22.83 -26.60 4.76
C LYS C 77 23.95 -26.63 5.83
N MET C 78 24.64 -27.77 5.96
CA MET C 78 25.73 -27.89 6.92
C MET C 78 26.90 -27.01 6.50
N SER C 79 27.18 -26.95 5.20
CA SER C 79 28.28 -26.14 4.73
C SER C 79 28.02 -24.65 5.03
N ARG C 80 26.77 -24.22 4.97
CA ARG C 80 26.46 -22.81 5.28
C ARG C 80 26.55 -22.59 6.79
N LEU C 81 26.04 -23.54 7.57
CA LEU C 81 26.08 -23.41 9.02
C LEU C 81 27.51 -23.34 9.52
N PHE C 82 28.40 -24.12 8.92
CA PHE C 82 29.79 -24.18 9.34
C PHE C 82 30.80 -23.34 8.53
N ASP C 83 30.30 -22.47 7.66
CA ASP C 83 31.14 -21.60 6.84
C ASP C 83 32.38 -22.35 6.33
N LEU C 84 32.15 -23.45 5.62
CA LEU C 84 33.24 -24.26 5.09
C LEU C 84 33.91 -23.65 3.85
N GLN C 85 33.27 -22.65 3.24
CA GLN C 85 33.85 -22.02 2.06
C GLN C 85 34.96 -21.03 2.41
N CYS C 86 34.95 -20.58 3.67
CA CYS C 86 35.91 -19.59 4.12
C CYS C 86 37.38 -19.89 3.84
N ASN C 87 38.07 -18.90 3.28
CA ASN C 87 39.51 -19.00 3.01
C ASN C 87 40.14 -18.07 4.06
N PRO C 88 40.43 -18.61 5.26
CA PRO C 88 41.02 -17.83 6.36
C PRO C 88 42.21 -16.96 5.99
N GLN C 89 42.96 -17.36 4.98
CA GLN C 89 44.12 -16.57 4.57
C GLN C 89 43.66 -15.20 4.13
N ILE C 90 42.73 -15.14 3.17
CA ILE C 90 42.22 -13.88 2.67
C ILE C 90 41.67 -13.00 3.78
N VAL C 91 40.91 -13.59 4.69
CA VAL C 91 40.32 -12.82 5.79
C VAL C 91 41.37 -12.42 6.82
N ASN C 92 42.17 -13.37 7.27
CA ASN C 92 43.19 -13.06 8.25
C ASN C 92 44.23 -12.10 7.70
N GLY C 93 44.35 -12.05 6.38
CA GLY C 93 45.30 -11.15 5.76
C GLY C 93 44.69 -9.77 5.67
N ALA C 94 43.42 -9.71 5.33
CA ALA C 94 42.72 -8.45 5.19
C ALA C 94 42.36 -7.81 6.53
N LEU C 95 42.41 -8.56 7.62
CA LEU C 95 42.09 -8.00 8.92
C LEU C 95 43.33 -7.76 9.78
N GLY C 96 44.49 -8.15 9.25
CA GLY C 96 45.73 -7.97 9.96
C GLY C 96 45.77 -8.49 11.39
N ARG C 97 45.98 -7.56 12.33
CA ARG C 97 46.08 -7.88 13.75
C ARG C 97 44.81 -8.36 14.43
N LEU C 98 43.67 -7.77 14.05
CA LEU C 98 42.39 -8.11 14.65
C LEU C 98 42.10 -9.61 14.63
N GLY C 99 42.44 -10.26 13.52
CA GLY C 99 42.21 -11.68 13.41
C GLY C 99 43.50 -12.48 13.47
N ALA C 100 44.24 -12.34 14.56
CA ALA C 100 45.49 -13.06 14.73
C ALA C 100 45.46 -13.87 16.01
N ALA C 101 44.60 -13.49 16.94
CA ALA C 101 44.46 -14.19 18.21
C ALA C 101 43.70 -15.51 18.03
N ARG C 102 42.91 -15.59 16.96
CA ARG C 102 42.12 -16.78 16.65
C ARG C 102 41.78 -16.73 15.17
N PRO C 103 42.73 -17.10 14.29
CA PRO C 103 42.52 -17.09 12.84
C PRO C 103 41.63 -18.21 12.28
N GLY C 104 41.10 -19.05 13.16
CA GLY C 104 40.23 -20.15 12.74
C GLY C 104 38.77 -19.75 12.87
N LEU C 105 38.55 -18.55 13.38
CA LEU C 105 37.24 -17.95 13.59
C LEU C 105 36.41 -18.04 12.30
N ARG C 106 35.23 -18.65 12.39
CA ARG C 106 34.35 -18.78 11.22
C ARG C 106 33.04 -18.06 11.53
N LEU C 107 32.27 -17.74 10.50
CA LEU C 107 30.99 -17.07 10.69
C LEU C 107 29.91 -18.13 10.92
N PRO C 108 29.36 -18.20 12.12
CA PRO C 108 28.32 -19.21 12.38
C PRO C 108 27.08 -18.89 11.54
N GLY C 109 26.75 -19.75 10.59
CA GLY C 109 25.59 -19.54 9.76
C GLY C 109 24.31 -20.10 10.36
N CYS C 110 23.48 -20.69 9.51
CA CYS C 110 22.24 -21.30 9.95
C CYS C 110 21.87 -22.41 8.99
N VAL C 111 20.85 -23.17 9.34
CA VAL C 111 20.42 -24.27 8.51
C VAL C 111 19.19 -23.90 7.70
N ASP C 112 18.51 -22.82 8.11
CA ASP C 112 17.29 -22.37 7.44
C ASP C 112 17.04 -20.88 7.74
N ALA C 113 16.88 -20.06 6.70
CA ALA C 113 16.67 -18.64 6.93
C ALA C 113 15.44 -18.33 7.83
N PHE C 114 14.34 -19.04 7.63
CA PHE C 114 13.18 -18.76 8.48
C PHE C 114 13.50 -18.97 9.95
N GLU C 115 14.11 -20.10 10.27
CA GLU C 115 14.46 -20.41 11.65
C GLU C 115 15.27 -19.27 12.22
N GLN C 116 16.28 -18.85 11.45
CA GLN C 116 17.16 -17.78 11.88
C GLN C 116 16.38 -16.49 12.06
N GLY C 117 15.31 -16.34 11.28
CA GLY C 117 14.49 -15.15 11.42
C GLY C 117 13.83 -15.19 12.79
N VAL C 118 13.21 -16.33 13.08
CA VAL C 118 12.56 -16.52 14.35
C VAL C 118 13.58 -16.35 15.49
N ARG C 119 14.75 -16.96 15.36
CA ARG C 119 15.79 -16.86 16.38
C ARG C 119 16.23 -15.41 16.62
N ALA C 120 16.43 -14.68 15.52
CA ALA C 120 16.83 -13.28 15.57
C ALA C 120 15.82 -12.43 16.35
N ILE C 121 14.53 -12.60 16.06
CA ILE C 121 13.49 -11.83 16.74
C ILE C 121 13.46 -12.15 18.23
N LEU C 122 13.45 -13.44 18.56
CA LEU C 122 13.43 -13.89 19.95
C LEU C 122 14.73 -13.56 20.66
N GLY C 123 15.75 -13.21 19.88
CA GLY C 123 17.03 -12.91 20.48
C GLY C 123 17.05 -11.47 20.98
N GLN C 124 16.07 -10.69 20.52
CA GLN C 124 15.95 -9.29 20.90
C GLN C 124 15.87 -9.07 22.41
N LEU C 125 16.74 -8.17 22.90
CA LEU C 125 16.77 -7.78 24.30
C LEU C 125 17.30 -8.79 25.31
N VAL C 126 16.60 -9.90 25.47
CA VAL C 126 17.00 -10.92 26.42
C VAL C 126 18.43 -11.42 26.21
N SER C 127 18.95 -12.16 27.19
CA SER C 127 20.30 -12.70 27.10
C SER C 127 20.27 -13.93 26.20
N VAL C 128 21.43 -14.48 25.91
CA VAL C 128 21.50 -15.67 25.08
C VAL C 128 20.77 -16.87 25.70
N ALA C 129 21.00 -17.11 26.99
CA ALA C 129 20.35 -18.23 27.68
C ALA C 129 18.83 -18.07 27.68
N MET C 130 18.36 -16.85 27.80
CA MET C 130 16.93 -16.60 27.80
C MET C 130 16.38 -16.79 26.38
N ALA C 131 17.10 -16.29 25.39
CA ALA C 131 16.64 -16.44 24.01
C ALA C 131 16.49 -17.93 23.73
N ALA C 132 17.50 -18.70 24.09
CA ALA C 132 17.47 -20.14 23.86
C ALA C 132 16.27 -20.81 24.52
N LYS C 133 16.06 -20.54 25.80
CA LYS C 133 14.96 -21.14 26.52
C LYS C 133 13.63 -20.70 25.94
N LEU C 134 13.58 -19.44 25.50
CA LEU C 134 12.37 -18.91 24.91
C LEU C 134 12.08 -19.63 23.60
N THR C 135 13.12 -19.84 22.81
CA THR C 135 12.96 -20.52 21.54
C THR C 135 12.52 -21.96 21.78
N ALA C 136 13.07 -22.58 22.83
CA ALA C 136 12.71 -23.97 23.16
C ALA C 136 11.20 -24.12 23.40
N ARG C 137 10.58 -23.15 24.07
CA ARG C 137 9.15 -23.21 24.36
C ARG C 137 8.31 -23.08 23.10
N VAL C 138 8.83 -22.37 22.12
CA VAL C 138 8.10 -22.20 20.87
C VAL C 138 8.17 -23.52 20.11
N ALA C 139 9.35 -24.14 20.12
CA ALA C 139 9.52 -25.41 19.42
C ALA C 139 8.63 -26.50 20.03
N GLN C 140 8.55 -26.55 21.36
CA GLN C 140 7.76 -27.55 22.04
C GLN C 140 6.26 -27.39 21.78
N LEU C 141 5.84 -26.17 21.49
CA LEU C 141 4.43 -25.91 21.25
C LEU C 141 4.01 -26.04 19.78
N TYR C 142 4.90 -25.73 18.85
CA TYR C 142 4.53 -25.76 17.44
C TYR C 142 5.31 -26.72 16.56
N GLY C 143 6.41 -27.26 17.10
CA GLY C 143 7.25 -28.17 16.34
C GLY C 143 6.66 -29.53 16.02
N GLU C 144 7.32 -30.21 15.09
CA GLU C 144 6.92 -31.53 14.63
C GLU C 144 7.84 -32.55 15.31
N ARG C 145 7.25 -33.53 15.98
CA ARG C 145 8.08 -34.53 16.62
C ARG C 145 8.44 -35.61 15.60
N LEU C 146 9.68 -36.09 15.63
CA LEU C 146 10.09 -37.13 14.69
C LEU C 146 9.68 -38.49 15.22
N ASP C 147 8.90 -39.23 14.44
CA ASP C 147 8.46 -40.54 14.89
C ASP C 147 9.59 -41.52 15.20
N ASP C 148 10.69 -41.42 14.48
CA ASP C 148 11.82 -42.32 14.71
C ASP C 148 12.84 -41.81 15.72
N PHE C 149 12.54 -40.65 16.32
CA PHE C 149 13.43 -40.04 17.31
C PHE C 149 12.59 -39.22 18.28
N PRO C 150 11.83 -39.88 19.17
CA PRO C 150 10.97 -39.22 20.15
C PRO C 150 11.64 -38.14 21.00
N GLU C 151 12.97 -38.10 21.04
CA GLU C 151 13.64 -37.08 21.84
C GLU C 151 13.80 -35.80 21.03
N TYR C 152 13.75 -35.93 19.71
CA TYR C 152 13.91 -34.80 18.79
C TYR C 152 12.60 -34.19 18.31
N ILE C 153 12.64 -32.88 18.14
CA ILE C 153 11.48 -32.15 17.67
C ILE C 153 11.99 -31.18 16.59
N CYS C 154 11.24 -31.07 15.50
CA CYS C 154 11.62 -30.18 14.42
C CYS C 154 11.29 -28.75 14.76
N PHE C 155 12.13 -27.83 14.27
CA PHE C 155 11.89 -26.41 14.51
C PHE C 155 10.59 -26.05 13.77
N PRO C 156 9.72 -25.27 14.41
CA PRO C 156 8.43 -24.86 13.81
C PRO C 156 8.53 -24.35 12.38
N THR C 157 7.58 -24.75 11.56
CA THR C 157 7.54 -24.35 10.16
C THR C 157 6.70 -23.07 10.01
N PRO C 158 6.78 -22.42 8.83
CA PRO C 158 5.98 -21.21 8.64
C PRO C 158 4.49 -21.51 8.67
N GLN C 159 4.08 -22.66 8.14
CA GLN C 159 2.65 -22.99 8.13
C GLN C 159 2.03 -23.03 9.54
N ARG C 160 2.76 -23.54 10.52
CA ARG C 160 2.25 -23.58 11.89
C ARG C 160 2.29 -22.21 12.54
N LEU C 161 3.43 -21.52 12.50
CA LEU C 161 3.53 -20.20 13.12
C LEU C 161 2.60 -19.16 12.50
N ALA C 162 2.30 -19.31 11.21
CA ALA C 162 1.42 -18.36 10.54
C ALA C 162 -0.02 -18.44 11.07
N ALA C 163 -0.42 -19.64 11.48
CA ALA C 163 -1.76 -19.84 12.01
C ALA C 163 -1.83 -19.70 13.53
N ALA C 164 -0.67 -19.46 14.17
CA ALA C 164 -0.61 -19.34 15.61
C ALA C 164 -1.43 -18.21 16.21
N ASP C 165 -1.87 -18.45 17.45
CA ASP C 165 -2.64 -17.48 18.19
C ASP C 165 -1.66 -16.56 18.89
N PRO C 166 -1.76 -15.25 18.63
CA PRO C 166 -0.88 -14.24 19.23
C PRO C 166 -0.78 -14.40 20.74
N GLN C 167 -1.91 -14.68 21.39
CA GLN C 167 -1.94 -14.85 22.83
C GLN C 167 -1.23 -16.11 23.31
N ALA C 168 -1.23 -17.16 22.48
CA ALA C 168 -0.57 -18.39 22.87
C ALA C 168 0.93 -18.13 22.93
N LEU C 169 1.45 -17.41 21.93
CA LEU C 169 2.87 -17.08 21.88
C LEU C 169 3.24 -16.17 23.02
N LYS C 170 2.37 -15.20 23.29
CA LYS C 170 2.61 -14.26 24.37
C LYS C 170 2.79 -15.03 25.66
N ALA C 171 1.92 -16.00 25.88
CA ALA C 171 1.94 -16.82 27.08
C ALA C 171 3.27 -17.52 27.34
N LEU C 172 4.09 -17.71 26.31
CA LEU C 172 5.37 -18.38 26.49
C LEU C 172 6.43 -17.49 27.12
N GLY C 173 6.08 -16.24 27.40
CA GLY C 173 7.02 -15.33 28.01
C GLY C 173 7.58 -14.27 27.07
N MET C 174 6.78 -13.80 26.12
CA MET C 174 7.23 -12.76 25.19
C MET C 174 6.15 -11.70 25.02
N PRO C 175 6.53 -10.44 24.76
CA PRO C 175 5.54 -9.36 24.59
C PRO C 175 4.62 -9.72 23.43
N LEU C 176 3.48 -9.04 23.34
CA LEU C 176 2.54 -9.31 22.27
C LEU C 176 3.15 -8.88 20.92
N LYS C 177 3.88 -7.77 20.92
CA LYS C 177 4.51 -7.24 19.72
C LYS C 177 5.52 -8.22 19.09
N ARG C 178 6.21 -8.97 19.93
CA ARG C 178 7.18 -9.93 19.43
C ARG C 178 6.47 -11.17 18.88
N ALA C 179 5.29 -11.50 19.41
CA ALA C 179 4.54 -12.66 18.93
C ALA C 179 3.98 -12.31 17.56
N GLU C 180 3.54 -11.06 17.42
CA GLU C 180 2.98 -10.60 16.15
C GLU C 180 4.11 -10.50 15.11
N ALA C 181 5.32 -10.22 15.58
CA ALA C 181 6.46 -10.15 14.69
C ALA C 181 6.67 -11.53 14.08
N LEU C 182 6.57 -12.56 14.92
CA LEU C 182 6.76 -13.93 14.46
C LEU C 182 5.68 -14.33 13.47
N ILE C 183 4.43 -14.10 13.84
CA ILE C 183 3.33 -14.46 12.96
C ILE C 183 3.44 -13.80 11.59
N HIS C 184 3.86 -12.54 11.57
CA HIS C 184 4.01 -11.81 10.31
C HIS C 184 5.19 -12.36 9.51
N LEU C 185 6.29 -12.70 10.20
CA LEU C 185 7.46 -13.24 9.51
C LEU C 185 7.09 -14.56 8.87
N ALA C 186 6.30 -15.37 9.58
CA ALA C 186 5.88 -16.68 9.05
C ALA C 186 5.06 -16.48 7.79
N ASN C 187 4.16 -15.50 7.82
CA ASN C 187 3.34 -15.22 6.65
C ASN C 187 4.20 -14.80 5.47
N ALA C 188 5.26 -14.04 5.73
CA ALA C 188 6.13 -13.61 4.65
C ALA C 188 6.83 -14.82 4.05
N ALA C 189 7.32 -15.72 4.90
CA ALA C 189 7.99 -16.91 4.41
C ALA C 189 7.04 -17.76 3.56
N LEU C 190 5.78 -17.82 3.96
CA LEU C 190 4.81 -18.59 3.18
C LEU C 190 4.61 -17.94 1.82
N GLU C 191 4.50 -16.62 1.81
CA GLU C 191 4.28 -15.88 0.59
C GLU C 191 5.51 -15.80 -0.30
N GLY C 192 6.67 -16.17 0.26
CA GLY C 192 7.89 -16.12 -0.53
C GLY C 192 8.56 -14.75 -0.49
N THR C 193 8.15 -13.91 0.45
CA THR C 193 8.70 -12.57 0.63
C THR C 193 9.96 -12.50 1.50
N LEU C 194 10.29 -13.58 2.20
CA LEU C 194 11.48 -13.58 3.04
C LEU C 194 12.63 -14.19 2.26
N PRO C 195 13.65 -13.39 1.92
CA PRO C 195 14.77 -13.95 1.16
C PRO C 195 15.45 -15.07 1.94
N MET C 196 15.36 -16.28 1.40
CA MET C 196 15.92 -17.47 2.03
C MET C 196 17.36 -17.65 1.62
N THR C 197 17.79 -16.83 0.67
CA THR C 197 19.16 -16.91 0.21
C THR C 197 19.64 -15.48 0.05
N ILE C 198 20.95 -15.27 0.22
CA ILE C 198 21.55 -13.94 0.12
C ILE C 198 21.22 -13.26 -1.21
N PRO C 199 20.60 -12.07 -1.14
CA PRO C 199 20.23 -11.31 -2.34
C PRO C 199 21.44 -10.54 -2.86
N GLY C 200 21.42 -10.15 -4.13
CA GLY C 200 22.54 -9.43 -4.71
C GLY C 200 22.83 -8.09 -4.05
N ASP C 201 21.79 -7.46 -3.51
CA ASP C 201 21.96 -6.16 -2.86
C ASP C 201 21.50 -6.26 -1.40
N VAL C 202 22.39 -6.75 -0.54
CA VAL C 202 22.11 -6.91 0.88
C VAL C 202 21.58 -5.64 1.54
N GLU C 203 21.95 -4.48 1.00
CA GLU C 203 21.52 -3.20 1.57
C GLU C 203 20.05 -2.94 1.33
N GLN C 204 19.60 -3.11 0.10
CA GLN C 204 18.21 -2.89 -0.25
C GLN C 204 17.38 -3.94 0.49
N ALA C 205 17.86 -5.19 0.43
CA ALA C 205 17.18 -6.30 1.07
C ALA C 205 16.88 -6.01 2.53
N MET C 206 17.89 -5.61 3.30
CA MET C 206 17.71 -5.30 4.71
C MET C 206 16.74 -4.16 4.93
N LYS C 207 16.81 -3.14 4.07
CA LYS C 207 15.91 -2.00 4.18
C LYS C 207 14.46 -2.49 4.07
N THR C 208 14.20 -3.44 3.17
CA THR C 208 12.87 -3.99 3.00
C THR C 208 12.45 -4.81 4.24
N LEU C 209 13.43 -5.51 4.84
CA LEU C 209 13.16 -6.28 6.04
C LEU C 209 12.71 -5.37 7.17
N GLN C 210 13.30 -4.19 7.24
CA GLN C 210 12.95 -3.23 8.28
C GLN C 210 11.52 -2.69 8.20
N THR C 211 10.85 -2.93 7.06
CA THR C 211 9.45 -2.50 6.94
C THR C 211 8.56 -3.53 7.68
N PHE C 212 9.11 -4.71 7.99
CA PHE C 212 8.38 -5.76 8.70
C PHE C 212 8.13 -5.31 10.14
N PRO C 213 6.91 -5.52 10.66
CA PRO C 213 6.67 -5.10 12.04
C PRO C 213 7.55 -5.92 12.98
N GLY C 214 8.08 -5.28 14.02
CA GLY C 214 8.93 -5.98 14.96
C GLY C 214 10.38 -6.17 14.55
N ILE C 215 10.72 -5.79 13.33
CA ILE C 215 12.10 -5.91 12.85
C ILE C 215 12.72 -4.54 12.59
N GLY C 216 13.75 -4.21 13.38
CA GLY C 216 14.43 -2.93 13.23
C GLY C 216 15.81 -3.17 12.64
N ARG C 217 16.69 -2.18 12.77
CA ARG C 217 18.04 -2.27 12.19
C ARG C 217 18.89 -3.40 12.76
N TRP C 218 18.85 -3.57 14.07
CA TRP C 218 19.62 -4.62 14.70
C TRP C 218 19.22 -6.00 14.15
N THR C 219 17.94 -6.33 14.30
CA THR C 219 17.41 -7.61 13.83
C THR C 219 17.74 -7.88 12.36
N ALA C 220 17.53 -6.89 11.49
CA ALA C 220 17.82 -7.09 10.06
C ALA C 220 19.30 -7.31 9.81
N ASN C 221 20.16 -6.59 10.52
CA ASN C 221 21.60 -6.77 10.38
C ASN C 221 21.97 -8.18 10.88
N TYR C 222 21.51 -8.52 12.07
CA TYR C 222 21.81 -9.84 12.65
C TYR C 222 21.25 -10.98 11.78
N PHE C 223 20.09 -10.74 11.17
CA PHE C 223 19.49 -11.75 10.30
C PHE C 223 20.36 -11.91 9.05
N ALA C 224 20.81 -10.80 8.48
CA ALA C 224 21.64 -10.86 7.28
C ALA C 224 22.97 -11.57 7.58
N LEU C 225 23.54 -11.29 8.74
CA LEU C 225 24.81 -11.89 9.11
C LEU C 225 24.73 -13.40 9.28
N ARG C 226 23.75 -13.85 10.05
CA ARG C 226 23.57 -15.28 10.30
C ARG C 226 22.69 -16.02 9.27
N GLY C 227 21.59 -15.41 8.86
CA GLY C 227 20.68 -16.04 7.91
C GLY C 227 21.08 -16.06 6.44
N TRP C 228 21.85 -15.07 6.00
CA TRP C 228 22.29 -15.04 4.61
C TRP C 228 23.81 -15.23 4.63
N GLN C 229 24.38 -15.19 5.83
CA GLN C 229 25.82 -15.32 5.98
C GLN C 229 26.48 -14.26 5.10
N ALA C 230 25.91 -13.04 5.11
CA ALA C 230 26.49 -11.94 4.34
C ALA C 230 27.80 -11.59 5.07
N LYS C 231 28.92 -11.59 4.34
CA LYS C 231 30.23 -11.35 4.93
C LYS C 231 30.68 -9.92 5.24
N ASP C 232 29.90 -8.93 4.81
CA ASP C 232 30.32 -7.56 5.04
C ASP C 232 29.27 -6.70 5.74
N VAL C 233 28.90 -7.07 6.95
CA VAL C 233 27.93 -6.29 7.70
C VAL C 233 28.38 -6.10 9.14
N PHE C 234 28.17 -4.90 9.66
CA PHE C 234 28.55 -4.58 11.02
C PHE C 234 27.28 -4.31 11.84
N LEU C 235 27.39 -4.39 13.17
CA LEU C 235 26.26 -4.13 14.05
C LEU C 235 26.59 -3.01 15.04
N PRO C 236 26.70 -1.77 14.54
CA PRO C 236 27.02 -0.63 15.41
C PRO C 236 25.97 -0.39 16.51
N ASP C 237 24.86 -1.11 16.40
CA ASP C 237 23.75 -1.00 17.36
C ASP C 237 23.81 -2.08 18.44
N ASP C 238 24.68 -3.07 18.25
CA ASP C 238 24.79 -4.15 19.22
C ASP C 238 25.22 -3.67 20.61
N TYR C 239 24.60 -4.24 21.64
CA TYR C 239 24.90 -3.87 23.01
C TYR C 239 26.40 -4.05 23.33
N LEU C 240 26.90 -5.26 23.13
CA LEU C 240 28.30 -5.54 23.40
C LEU C 240 29.23 -4.69 22.52
N ILE C 241 28.77 -4.37 21.32
CA ILE C 241 29.58 -3.56 20.42
C ILE C 241 29.65 -2.13 20.93
N LYS C 242 28.54 -1.62 21.46
CA LYS C 242 28.55 -0.25 21.97
C LYS C 242 29.46 -0.12 23.19
N GLN C 243 29.78 -1.25 23.82
CA GLN C 243 30.66 -1.25 24.98
C GLN C 243 32.11 -1.30 24.54
N ARG C 244 32.33 -1.88 23.36
CA ARG C 244 33.67 -1.98 22.80
C ARG C 244 34.10 -0.64 22.24
N PHE C 245 33.13 0.23 21.97
CA PHE C 245 33.41 1.57 21.46
C PHE C 245 32.79 2.59 22.41
N PRO C 246 33.43 2.81 23.58
CA PRO C 246 32.89 3.77 24.55
C PRO C 246 32.86 5.18 23.97
N GLY C 247 31.80 5.92 24.28
CA GLY C 247 31.69 7.30 23.81
C GLY C 247 31.33 7.53 22.35
N MET C 248 31.37 6.49 21.53
CA MET C 248 31.03 6.65 20.11
C MET C 248 29.57 6.36 19.79
N THR C 249 29.05 7.10 18.82
CA THR C 249 27.67 6.96 18.41
C THR C 249 27.58 6.00 17.22
N PRO C 250 26.42 5.37 17.02
CA PRO C 250 26.24 4.43 15.91
C PRO C 250 26.96 4.82 14.61
N ALA C 251 26.91 6.10 14.24
CA ALA C 251 27.56 6.56 13.01
C ALA C 251 29.07 6.59 13.12
N GLN C 252 29.59 6.96 14.28
CA GLN C 252 31.04 7.02 14.48
C GLN C 252 31.61 5.61 14.40
N ILE C 253 30.91 4.67 15.03
CA ILE C 253 31.32 3.27 15.04
C ILE C 253 31.27 2.74 13.62
N ARG C 254 30.16 3.01 12.95
CA ARG C 254 29.91 2.59 11.58
C ARG C 254 30.98 3.15 10.63
N ARG C 255 31.41 4.38 10.90
CA ARG C 255 32.43 5.03 10.10
C ARG C 255 33.79 4.36 10.36
N TYR C 256 33.99 3.91 11.59
CA TYR C 256 35.24 3.26 11.96
C TYR C 256 35.38 1.90 11.26
N ALA C 257 34.27 1.18 11.17
CA ALA C 257 34.25 -0.14 10.55
C ALA C 257 34.49 -0.15 9.04
N GLU C 258 34.39 1.00 8.38
CA GLU C 258 34.62 1.04 6.94
C GLU C 258 36.00 0.49 6.60
N ARG C 259 36.91 0.62 7.56
CA ARG C 259 38.29 0.16 7.36
C ARG C 259 38.43 -1.35 7.20
N TRP C 260 37.42 -2.10 7.63
CA TRP C 260 37.48 -3.55 7.52
C TRP C 260 36.76 -4.14 6.32
N LYS C 261 36.13 -3.29 5.52
CA LYS C 261 35.44 -3.75 4.32
C LYS C 261 36.43 -4.54 3.48
N PRO C 262 35.98 -5.60 2.76
CA PRO C 262 34.60 -6.14 2.66
C PRO C 262 34.36 -7.36 3.55
N TRP C 263 35.06 -7.41 4.69
CA TRP C 263 34.93 -8.51 5.63
C TRP C 263 34.51 -8.02 6.99
N ARG C 264 33.59 -7.05 7.01
CA ARG C 264 33.11 -6.50 8.27
C ARG C 264 32.40 -7.49 9.17
N SER C 265 31.78 -8.51 8.58
CA SER C 265 31.09 -9.50 9.40
C SER C 265 32.13 -10.24 10.22
N TYR C 266 33.26 -10.57 9.61
CA TYR C 266 34.30 -11.26 10.36
C TYR C 266 34.89 -10.34 11.44
N ALA C 267 35.20 -9.10 11.08
CA ALA C 267 35.75 -8.19 12.06
C ALA C 267 34.82 -8.13 13.27
N LEU C 268 33.52 -8.09 13.00
CA LEU C 268 32.54 -8.03 14.08
C LEU C 268 32.69 -9.20 15.04
N LEU C 269 32.89 -10.40 14.51
CA LEU C 269 33.03 -11.56 15.37
C LEU C 269 34.27 -11.47 16.26
N HIS C 270 35.38 -11.04 15.70
CA HIS C 270 36.60 -10.91 16.47
C HIS C 270 36.48 -9.90 17.60
N ILE C 271 36.03 -8.69 17.28
CA ILE C 271 35.87 -7.65 18.30
C ILE C 271 34.96 -8.13 19.42
N TRP C 272 33.91 -8.85 19.06
CA TRP C 272 32.97 -9.40 20.03
C TRP C 272 33.68 -10.35 20.98
N TYR C 273 34.57 -11.18 20.43
CA TYR C 273 35.29 -12.17 21.22
C TYR C 273 36.72 -11.80 21.61
N THR C 274 36.86 -10.57 22.10
CA THR C 274 38.14 -10.03 22.55
C THR C 274 37.73 -8.96 23.56
N GLU C 275 37.63 -9.35 24.83
CA GLU C 275 37.20 -8.42 25.88
C GLU C 275 38.08 -7.19 26.06
N GLY C 276 39.37 -7.35 25.86
CA GLY C 276 40.29 -6.23 26.02
C GLY C 276 40.26 -5.18 24.93
N TRP C 277 39.96 -5.59 23.69
CA TRP C 277 39.94 -4.69 22.55
C TRP C 277 39.32 -3.33 22.82
N GLN C 278 39.83 -2.34 22.08
CA GLN C 278 39.36 -0.97 22.15
C GLN C 278 39.83 -0.31 20.86
N PRO C 279 39.08 0.69 20.37
CA PRO C 279 39.40 1.41 19.12
C PRO C 279 40.64 2.31 19.16
N ASP C 280 41.04 2.80 17.99
CA ASP C 280 42.20 3.67 17.88
C ASP C 280 41.77 5.14 17.90
N GLU C 281 42.06 5.82 18.99
CA GLU C 281 41.71 7.23 19.15
C GLU C 281 42.53 8.09 18.17
N ALA C 282 41.96 8.34 16.99
CA ALA C 282 42.63 9.14 15.97
C ALA C 282 42.75 10.59 16.40
N MET D 1 -28.14 41.58 -2.64
CA MET D 1 -28.09 42.13 -1.26
C MET D 1 -28.62 41.15 -0.19
N TYR D 2 -27.83 40.13 0.12
CA TYR D 2 -28.19 39.13 1.11
C TYR D 2 -27.66 39.57 2.47
N THR D 3 -28.21 39.04 3.55
CA THR D 3 -27.76 39.43 4.88
C THR D 3 -27.48 38.27 5.82
N LEU D 4 -26.37 38.37 6.56
CA LEU D 4 -25.94 37.33 7.52
C LEU D 4 -25.66 37.92 8.89
N ASN D 5 -25.94 37.15 9.95
CA ASN D 5 -25.75 37.62 11.32
C ASN D 5 -24.43 37.28 11.96
N TRP D 6 -24.15 37.95 13.07
CA TRP D 6 -22.95 37.70 13.86
C TRP D 6 -23.20 38.22 15.26
N GLN D 7 -22.50 37.66 16.24
CA GLN D 7 -22.65 38.06 17.63
C GLN D 7 -21.50 39.00 17.97
N PRO D 8 -21.79 40.09 18.70
CA PRO D 8 -20.79 41.09 19.10
C PRO D 8 -19.99 40.61 20.31
N PRO D 9 -18.76 41.09 20.47
CA PRO D 9 -18.09 42.06 19.58
C PRO D 9 -17.42 41.42 18.37
N TYR D 10 -17.18 42.23 17.34
CA TYR D 10 -16.51 41.77 16.14
C TYR D 10 -15.60 42.90 15.71
N ASP D 11 -14.29 42.67 15.80
CA ASP D 11 -13.28 43.65 15.43
C ASP D 11 -13.07 43.67 13.91
N TRP D 12 -13.94 44.36 13.19
CA TRP D 12 -13.83 44.42 11.74
C TRP D 12 -12.56 45.10 11.26
N SER D 13 -12.15 46.12 12.00
CA SER D 13 -10.94 46.84 11.67
C SER D 13 -9.78 45.83 11.65
N TRP D 14 -9.67 45.03 12.69
CA TRP D 14 -8.62 44.01 12.76
C TRP D 14 -8.77 42.96 11.66
N MET D 15 -9.99 42.51 11.39
CA MET D 15 -10.22 41.50 10.36
C MET D 15 -9.88 42.00 8.96
N LEU D 16 -10.44 43.13 8.58
CA LEU D 16 -10.17 43.68 7.26
C LEU D 16 -8.68 43.93 7.10
N GLY D 17 -8.04 44.38 8.19
CA GLY D 17 -6.63 44.65 8.14
C GLY D 17 -5.82 43.39 7.87
N PHE D 18 -6.25 42.28 8.45
CA PHE D 18 -5.53 41.02 8.24
C PHE D 18 -5.65 40.55 6.80
N LEU D 19 -6.85 40.63 6.24
CA LEU D 19 -7.08 40.22 4.86
C LEU D 19 -6.45 41.23 3.90
N ALA D 20 -6.47 42.51 4.27
CA ALA D 20 -5.91 43.56 3.42
C ALA D 20 -4.44 43.31 3.11
N ALA D 21 -3.65 42.95 4.12
CA ALA D 21 -2.23 42.70 3.93
C ALA D 21 -1.94 41.49 3.06
N ARG D 22 -2.90 40.56 3.01
CA ARG D 22 -2.70 39.35 2.24
C ARG D 22 -3.49 39.38 0.95
N ALA D 23 -4.16 40.50 0.71
CA ALA D 23 -4.96 40.68 -0.49
C ALA D 23 -4.11 40.46 -1.74
N VAL D 24 -4.67 39.73 -2.68
CA VAL D 24 -4.00 39.41 -3.93
C VAL D 24 -4.59 40.28 -5.04
N SER D 25 -3.74 41.16 -5.59
CA SER D 25 -4.14 42.06 -6.66
C SER D 25 -5.00 41.41 -7.76
N SER D 26 -6.14 42.05 -8.06
CA SER D 26 -7.07 41.59 -9.10
C SER D 26 -8.11 40.56 -8.62
N VAL D 27 -7.84 39.91 -7.49
CA VAL D 27 -8.75 38.92 -6.97
C VAL D 27 -9.60 39.46 -5.85
N GLU D 28 -8.95 40.12 -4.89
CA GLU D 28 -9.64 40.71 -3.75
C GLU D 28 -9.39 42.21 -3.67
N THR D 29 -10.40 42.94 -3.20
CA THR D 29 -10.25 44.38 -3.01
C THR D 29 -10.60 44.62 -1.54
N VAL D 30 -9.66 45.15 -0.76
CA VAL D 30 -9.96 45.41 0.64
C VAL D 30 -9.93 46.89 1.01
N ALA D 31 -10.95 47.32 1.74
CA ALA D 31 -11.09 48.70 2.19
C ALA D 31 -11.64 48.65 3.62
N ASP D 32 -11.62 49.77 4.32
CA ASP D 32 -12.07 49.79 5.70
C ASP D 32 -13.57 49.66 5.92
N SER D 33 -14.35 49.62 4.86
CA SER D 33 -15.80 49.52 5.02
C SER D 33 -16.38 48.34 4.23
N TYR D 34 -15.53 47.66 3.48
CA TYR D 34 -15.98 46.51 2.70
C TYR D 34 -14.85 45.65 2.13
N TYR D 35 -15.22 44.41 1.84
CA TYR D 35 -14.32 43.41 1.27
C TYR D 35 -15.03 42.98 0.00
N ALA D 36 -14.28 42.74 -1.05
CA ALA D 36 -14.89 42.31 -2.30
C ALA D 36 -13.91 41.43 -3.04
N ARG D 37 -14.41 40.37 -3.66
CA ARG D 37 -13.51 39.47 -4.38
C ARG D 37 -14.23 38.67 -5.45
N SER D 38 -13.45 38.16 -6.39
CA SER D 38 -14.00 37.34 -7.47
C SER D 38 -14.26 36.02 -6.79
N LEU D 39 -15.20 35.25 -7.33
CA LEU D 39 -15.51 33.98 -6.73
C LEU D 39 -16.03 32.98 -7.75
N ALA D 40 -15.64 31.73 -7.58
CA ALA D 40 -16.08 30.69 -8.47
C ALA D 40 -16.66 29.52 -7.69
N VAL D 41 -17.61 28.84 -8.32
CA VAL D 41 -18.26 27.67 -7.76
C VAL D 41 -18.60 26.85 -8.99
N GLY D 42 -17.78 25.86 -9.29
CA GLY D 42 -18.02 25.07 -10.49
C GLY D 42 -17.72 25.99 -11.65
N GLU D 43 -18.70 26.28 -12.50
CA GLU D 43 -18.46 27.19 -13.62
C GLU D 43 -19.29 28.47 -13.54
N TYR D 44 -19.85 28.71 -12.36
CA TYR D 44 -20.59 29.95 -12.13
C TYR D 44 -19.50 30.86 -11.57
N ARG D 45 -19.42 32.08 -12.09
CA ARG D 45 -18.39 33.00 -11.65
C ARG D 45 -18.93 34.41 -11.53
N GLY D 46 -18.29 35.20 -10.67
CA GLY D 46 -18.72 36.56 -10.49
C GLY D 46 -17.88 37.27 -9.45
N VAL D 47 -18.46 38.34 -8.93
CA VAL D 47 -17.81 39.14 -7.90
C VAL D 47 -18.71 39.16 -6.66
N VAL D 48 -18.09 39.01 -5.49
CA VAL D 48 -18.81 39.03 -4.22
C VAL D 48 -18.37 40.30 -3.47
N THR D 49 -19.30 40.93 -2.78
CA THR D 49 -19.03 42.14 -2.00
C THR D 49 -19.63 41.99 -0.61
N ALA D 50 -18.83 42.26 0.42
CA ALA D 50 -19.30 42.13 1.80
C ALA D 50 -19.22 43.43 2.59
N ILE D 51 -20.36 43.91 3.04
CA ILE D 51 -20.42 45.15 3.79
C ILE D 51 -20.87 45.00 5.23
N PRO D 52 -19.96 45.18 6.18
CA PRO D 52 -20.32 45.06 7.60
C PRO D 52 -21.29 46.14 8.06
N ASP D 53 -22.21 45.78 8.94
CA ASP D 53 -23.19 46.71 9.47
C ASP D 53 -23.12 46.65 10.98
N ILE D 54 -22.20 47.43 11.55
CA ILE D 54 -21.99 47.45 12.99
C ILE D 54 -23.29 47.69 13.76
N ALA D 55 -24.08 48.65 13.27
CA ALA D 55 -25.34 49.01 13.89
C ALA D 55 -26.21 47.79 14.21
N ARG D 56 -26.57 47.03 13.19
CA ARG D 56 -27.42 45.86 13.38
C ARG D 56 -26.71 44.50 13.55
N HIS D 57 -25.39 44.51 13.78
CA HIS D 57 -24.62 43.27 13.97
C HIS D 57 -24.93 42.35 12.81
N THR D 58 -24.84 42.90 11.61
CA THR D 58 -25.19 42.16 10.42
C THR D 58 -24.15 42.34 9.32
N LEU D 59 -24.06 41.38 8.41
CA LEU D 59 -23.12 41.49 7.31
C LEU D 59 -23.94 41.44 6.02
N HIS D 60 -23.79 42.46 5.17
CA HIS D 60 -24.54 42.53 3.92
C HIS D 60 -23.67 42.02 2.79
N ILE D 61 -24.15 41.00 2.09
CA ILE D 61 -23.41 40.41 1.00
C ILE D 61 -24.16 40.64 -0.30
N ASN D 62 -23.44 41.07 -1.32
CA ASN D 62 -24.06 41.28 -2.61
C ASN D 62 -23.36 40.41 -3.62
N LEU D 63 -24.13 39.75 -4.46
CA LEU D 63 -23.58 38.89 -5.51
C LEU D 63 -23.95 39.41 -6.89
N SER D 64 -22.99 39.38 -7.80
CA SER D 64 -23.26 39.82 -9.15
C SER D 64 -24.17 38.77 -9.77
N ALA D 65 -24.75 39.07 -10.92
CA ALA D 65 -25.68 38.17 -11.59
C ALA D 65 -25.16 36.76 -11.90
N GLY D 66 -23.89 36.65 -12.29
CA GLY D 66 -23.34 35.34 -12.63
C GLY D 66 -23.20 34.35 -11.48
N LEU D 67 -23.47 34.78 -10.25
CA LEU D 67 -23.36 33.90 -9.08
C LEU D 67 -24.71 33.59 -8.46
N GLU D 68 -25.73 34.37 -8.83
CA GLU D 68 -27.07 34.17 -8.29
C GLU D 68 -27.52 32.72 -8.25
N PRO D 69 -27.30 31.97 -9.34
CA PRO D 69 -27.72 30.57 -9.36
C PRO D 69 -27.24 29.79 -8.14
N VAL D 70 -26.05 30.10 -7.64
CA VAL D 70 -25.49 29.42 -6.48
C VAL D 70 -25.28 30.34 -5.28
N ALA D 71 -26.22 31.26 -5.07
CA ALA D 71 -26.13 32.22 -3.98
C ALA D 71 -25.85 31.61 -2.60
N ALA D 72 -26.59 30.56 -2.25
CA ALA D 72 -26.44 29.90 -0.97
C ALA D 72 -24.99 29.44 -0.72
N GLU D 73 -24.37 28.82 -1.71
CA GLU D 73 -22.99 28.35 -1.51
C GLU D 73 -22.06 29.54 -1.28
N CYS D 74 -22.33 30.64 -1.98
CA CYS D 74 -21.53 31.85 -1.82
C CYS D 74 -21.67 32.42 -0.42
N LEU D 75 -22.87 32.34 0.15
CA LEU D 75 -23.07 32.86 1.49
C LEU D 75 -22.31 32.01 2.50
N ALA D 76 -22.23 30.71 2.25
CA ALA D 76 -21.53 29.82 3.16
C ALA D 76 -20.02 30.09 3.12
N LYS D 77 -19.51 30.38 1.92
CA LYS D 77 -18.09 30.67 1.74
C LYS D 77 -17.68 31.91 2.53
N MET D 78 -18.53 32.94 2.49
CA MET D 78 -18.28 34.17 3.23
C MET D 78 -18.40 33.97 4.75
N SER D 79 -19.36 33.16 5.18
CA SER D 79 -19.52 32.95 6.61
C SER D 79 -18.33 32.18 7.19
N ARG D 80 -17.64 31.41 6.35
CA ARG D 80 -16.47 30.68 6.80
C ARG D 80 -15.25 31.60 6.82
N LEU D 81 -15.18 32.49 5.83
CA LEU D 81 -14.07 33.43 5.77
C LEU D 81 -14.11 34.39 6.95
N PHE D 82 -15.32 34.82 7.33
CA PHE D 82 -15.47 35.78 8.42
C PHE D 82 -15.79 35.23 9.80
N ASP D 83 -15.81 33.91 9.94
CA ASP D 83 -16.07 33.28 11.24
C ASP D 83 -17.36 33.82 11.91
N LEU D 84 -18.41 33.94 11.11
CA LEU D 84 -19.71 34.44 11.60
C LEU D 84 -20.31 33.56 12.70
N GLN D 85 -19.93 32.28 12.74
CA GLN D 85 -20.46 31.37 13.74
C GLN D 85 -19.90 31.60 15.16
N CYS D 86 -18.78 32.31 15.27
CA CYS D 86 -18.15 32.51 16.57
C CYS D 86 -18.98 33.16 17.68
N ASN D 87 -18.92 32.55 18.86
CA ASN D 87 -19.61 33.08 20.04
C ASN D 87 -18.49 33.59 20.93
N PRO D 88 -18.14 34.87 20.81
CA PRO D 88 -17.06 35.43 21.63
C PRO D 88 -17.21 35.31 23.14
N GLN D 89 -18.43 35.27 23.66
CA GLN D 89 -18.61 35.13 25.10
C GLN D 89 -18.06 33.77 25.55
N ILE D 90 -18.17 32.76 24.68
CA ILE D 90 -17.68 31.43 25.00
C ILE D 90 -16.15 31.29 24.86
N VAL D 91 -15.59 31.82 23.78
CA VAL D 91 -14.16 31.71 23.58
C VAL D 91 -13.40 32.48 24.67
N ASN D 92 -13.81 33.72 24.93
CA ASN D 92 -13.15 34.53 25.95
C ASN D 92 -13.42 34.01 27.35
N GLY D 93 -14.58 33.42 27.56
CA GLY D 93 -14.90 32.89 28.87
C GLY D 93 -13.94 31.75 29.17
N ALA D 94 -13.20 31.32 28.16
CA ALA D 94 -12.25 30.22 28.33
C ALA D 94 -10.81 30.72 28.30
N LEU D 95 -10.48 31.60 27.36
CA LEU D 95 -9.12 32.11 27.27
C LEU D 95 -8.78 33.10 28.39
N GLY D 96 -9.80 33.75 28.94
CA GLY D 96 -9.60 34.72 30.00
C GLY D 96 -8.75 35.92 29.59
N ARG D 97 -7.76 36.22 30.43
CA ARG D 97 -6.82 37.32 30.26
C ARG D 97 -6.33 37.50 28.80
N LEU D 98 -5.73 36.45 28.27
CA LEU D 98 -5.19 36.45 26.91
C LEU D 98 -6.09 37.11 25.85
N GLY D 99 -7.40 36.91 25.97
CA GLY D 99 -8.32 37.48 25.02
C GLY D 99 -9.07 38.73 25.47
N ALA D 100 -8.79 39.18 26.69
CA ALA D 100 -9.46 40.35 27.25
C ALA D 100 -9.20 41.68 26.52
N ALA D 101 -8.07 41.81 25.83
CA ALA D 101 -7.78 43.05 25.13
C ALA D 101 -8.50 43.21 23.80
N ARG D 102 -8.62 42.13 23.04
CA ARG D 102 -9.30 42.20 21.74
C ARG D 102 -10.41 41.16 21.72
N PRO D 103 -11.43 41.36 22.57
CA PRO D 103 -12.54 40.41 22.63
C PRO D 103 -13.25 40.18 21.31
N GLY D 104 -12.99 41.05 20.33
CA GLY D 104 -13.63 40.90 19.04
C GLY D 104 -12.82 40.14 18.00
N LEU D 105 -11.74 39.49 18.42
CA LEU D 105 -10.88 38.74 17.51
C LEU D 105 -11.65 37.59 16.87
N ARG D 106 -11.41 37.35 15.59
CA ARG D 106 -12.06 36.27 14.85
C ARG D 106 -10.98 35.48 14.08
N LEU D 107 -11.33 34.28 13.63
CA LEU D 107 -10.38 33.46 12.88
C LEU D 107 -10.57 33.68 11.38
N PRO D 108 -9.60 34.35 10.72
CA PRO D 108 -9.71 34.62 9.28
C PRO D 108 -9.73 33.29 8.56
N GLY D 109 -10.82 32.99 7.88
CA GLY D 109 -10.90 31.72 7.18
C GLY D 109 -10.41 31.82 5.75
N CYS D 110 -11.11 31.14 4.86
CA CYS D 110 -10.81 31.16 3.44
C CYS D 110 -12.13 30.89 2.76
N VAL D 111 -12.18 31.19 1.47
CA VAL D 111 -13.37 31.01 0.68
C VAL D 111 -13.35 29.62 0.04
N ASP D 112 -12.19 28.97 0.02
CA ASP D 112 -12.05 27.65 -0.60
C ASP D 112 -10.76 26.96 -0.14
N ALA D 113 -10.85 25.71 0.30
CA ALA D 113 -9.67 24.99 0.80
C ALA D 113 -8.49 24.88 -0.19
N PHE D 114 -8.77 24.58 -1.45
CA PHE D 114 -7.67 24.48 -2.42
C PHE D 114 -6.91 25.81 -2.49
N GLU D 115 -7.63 26.91 -2.72
CA GLU D 115 -7.03 28.25 -2.78
C GLU D 115 -6.16 28.50 -1.55
N GLN D 116 -6.68 28.16 -0.36
CA GLN D 116 -5.94 28.36 0.88
C GLN D 116 -4.69 27.51 0.93
N GLY D 117 -4.76 26.29 0.40
CA GLY D 117 -3.59 25.43 0.39
C GLY D 117 -2.50 26.07 -0.46
N VAL D 118 -2.89 26.63 -1.61
CA VAL D 118 -1.92 27.28 -2.50
C VAL D 118 -1.25 28.43 -1.76
N ARG D 119 -2.04 29.26 -1.09
CA ARG D 119 -1.50 30.38 -0.34
C ARG D 119 -0.61 29.94 0.81
N ALA D 120 -0.91 28.78 1.38
CA ALA D 120 -0.12 28.28 2.49
C ALA D 120 1.26 27.91 1.97
N ILE D 121 1.27 27.30 0.79
CA ILE D 121 2.51 26.89 0.16
C ILE D 121 3.32 28.10 -0.31
N LEU D 122 2.70 29.01 -1.04
CA LEU D 122 3.41 30.19 -1.52
C LEU D 122 3.74 31.22 -0.44
N GLY D 123 3.37 30.92 0.81
CA GLY D 123 3.65 31.85 1.88
C GLY D 123 4.81 31.37 2.72
N GLN D 124 5.36 30.22 2.34
CA GLN D 124 6.49 29.62 3.03
C GLN D 124 7.82 30.38 2.90
N LEU D 125 8.44 30.64 4.05
CA LEU D 125 9.74 31.30 4.10
C LEU D 125 9.88 32.68 3.45
N VAL D 126 8.77 33.31 3.07
CA VAL D 126 8.81 34.65 2.48
C VAL D 126 7.94 35.59 3.29
N SER D 127 8.14 36.89 3.11
CA SER D 127 7.35 37.87 3.84
C SER D 127 5.91 37.80 3.37
N VAL D 128 5.03 38.45 4.13
CA VAL D 128 3.62 38.47 3.81
C VAL D 128 3.34 39.25 2.53
N ALA D 129 3.85 40.47 2.44
CA ALA D 129 3.63 41.31 1.25
C ALA D 129 4.17 40.64 -0.01
N MET D 130 5.15 39.77 0.17
CA MET D 130 5.78 39.06 -0.94
C MET D 130 4.92 37.90 -1.41
N ALA D 131 4.39 37.12 -0.46
CA ALA D 131 3.54 36.01 -0.84
C ALA D 131 2.35 36.59 -1.61
N ALA D 132 1.89 37.74 -1.16
CA ALA D 132 0.78 38.42 -1.80
C ALA D 132 1.08 38.81 -3.25
N LYS D 133 2.29 39.31 -3.50
CA LYS D 133 2.68 39.74 -4.84
C LYS D 133 2.89 38.54 -5.77
N LEU D 134 3.42 37.46 -5.22
CA LEU D 134 3.68 36.25 -5.98
C LEU D 134 2.36 35.55 -6.36
N THR D 135 1.51 35.34 -5.36
CA THR D 135 0.23 34.70 -5.57
C THR D 135 -0.55 35.46 -6.63
N ALA D 136 -0.40 36.78 -6.64
CA ALA D 136 -1.11 37.62 -7.60
C ALA D 136 -0.63 37.32 -9.01
N ARG D 137 0.61 36.88 -9.14
CA ARG D 137 1.18 36.56 -10.44
C ARG D 137 0.57 35.27 -10.93
N VAL D 138 0.45 34.31 -10.01
CA VAL D 138 -0.13 33.02 -10.36
C VAL D 138 -1.59 33.22 -10.74
N ALA D 139 -2.33 33.96 -9.94
CA ALA D 139 -3.73 34.21 -10.23
C ALA D 139 -3.84 34.90 -11.59
N GLN D 140 -2.90 35.79 -11.87
CA GLN D 140 -2.84 36.53 -13.12
C GLN D 140 -2.56 35.65 -14.35
N LEU D 141 -1.74 34.63 -14.16
CA LEU D 141 -1.40 33.74 -15.26
C LEU D 141 -2.32 32.54 -15.45
N TYR D 142 -2.90 32.02 -14.38
CA TYR D 142 -3.77 30.84 -14.48
C TYR D 142 -5.25 31.06 -14.17
N GLY D 143 -5.63 32.30 -13.94
CA GLY D 143 -7.02 32.57 -13.62
C GLY D 143 -7.90 32.92 -14.80
N GLU D 144 -9.18 32.58 -14.67
CA GLU D 144 -10.11 32.90 -15.73
C GLU D 144 -10.61 34.30 -15.40
N ARG D 145 -10.48 35.23 -16.34
CA ARG D 145 -10.94 36.58 -16.11
C ARG D 145 -12.47 36.64 -16.30
N LEU D 146 -13.13 37.46 -15.49
CA LEU D 146 -14.59 37.60 -15.55
C LEU D 146 -15.04 38.58 -16.66
N ASP D 147 -15.97 38.14 -17.50
CA ASP D 147 -16.45 38.98 -18.59
C ASP D 147 -17.33 40.14 -18.13
N ASP D 148 -18.08 39.92 -17.06
CA ASP D 148 -18.95 40.95 -16.50
C ASP D 148 -18.14 42.04 -15.80
N PHE D 149 -17.03 41.63 -15.20
CA PHE D 149 -16.14 42.53 -14.46
C PHE D 149 -14.69 42.31 -14.87
N PRO D 150 -14.26 42.95 -15.97
CA PRO D 150 -12.90 42.87 -16.53
C PRO D 150 -11.77 43.04 -15.51
N GLU D 151 -11.93 44.03 -14.63
CA GLU D 151 -10.94 44.33 -13.60
C GLU D 151 -10.60 43.13 -12.71
N TYR D 152 -11.61 42.32 -12.39
CA TYR D 152 -11.43 41.15 -11.53
C TYR D 152 -11.07 39.86 -12.27
N ILE D 153 -10.44 38.94 -11.55
CA ILE D 153 -10.04 37.65 -12.09
C ILE D 153 -10.25 36.54 -11.03
N CYS D 154 -10.63 35.35 -11.48
CA CYS D 154 -10.85 34.24 -10.57
C CYS D 154 -9.55 33.58 -10.15
N PHE D 155 -9.53 33.07 -8.92
CA PHE D 155 -8.34 32.40 -8.43
C PHE D 155 -8.18 31.16 -9.30
N PRO D 156 -6.94 30.68 -9.49
CA PRO D 156 -6.71 29.48 -10.31
C PRO D 156 -7.51 28.29 -9.82
N THR D 157 -7.91 27.42 -10.73
CA THR D 157 -8.66 26.23 -10.37
C THR D 157 -7.64 25.10 -10.31
N PRO D 158 -8.02 23.96 -9.71
CA PRO D 158 -7.13 22.80 -9.59
C PRO D 158 -6.74 22.16 -10.93
N GLN D 159 -7.69 22.14 -11.87
CA GLN D 159 -7.43 21.56 -13.19
C GLN D 159 -6.34 22.32 -13.96
N ARG D 160 -6.31 23.64 -13.74
CA ARG D 160 -5.34 24.51 -14.38
C ARG D 160 -3.94 24.43 -13.76
N LEU D 161 -3.84 24.46 -12.44
CA LEU D 161 -2.52 24.35 -11.82
C LEU D 161 -2.01 22.94 -11.99
N ALA D 162 -2.92 22.00 -12.26
CA ALA D 162 -2.54 20.60 -12.44
C ALA D 162 -1.83 20.39 -13.79
N ALA D 163 -2.33 21.06 -14.83
CA ALA D 163 -1.77 20.98 -16.16
C ALA D 163 -0.68 22.03 -16.33
N ALA D 164 -0.12 22.47 -15.20
CA ALA D 164 0.91 23.50 -15.22
C ALA D 164 2.30 22.94 -15.41
N ASP D 165 3.11 23.69 -16.14
CA ASP D 165 4.50 23.34 -16.41
C ASP D 165 5.28 23.88 -15.20
N PRO D 166 5.93 22.98 -14.44
CA PRO D 166 6.69 23.44 -13.26
C PRO D 166 7.53 24.69 -13.56
N GLN D 167 8.39 24.56 -14.56
CA GLN D 167 9.28 25.62 -15.00
C GLN D 167 8.56 26.95 -15.10
N ALA D 168 7.37 26.93 -15.71
CA ALA D 168 6.60 28.16 -15.86
C ALA D 168 6.29 28.79 -14.50
N LEU D 169 5.92 27.96 -13.52
CA LEU D 169 5.60 28.43 -12.17
C LEU D 169 6.82 29.02 -11.49
N LYS D 170 7.93 28.28 -11.52
CA LYS D 170 9.19 28.74 -10.93
C LYS D 170 9.54 30.15 -11.41
N ALA D 171 9.52 30.33 -12.72
CA ALA D 171 9.83 31.62 -13.34
C ALA D 171 9.06 32.77 -12.72
N LEU D 172 7.98 32.47 -12.00
CA LEU D 172 7.19 33.53 -11.37
C LEU D 172 7.83 34.00 -10.07
N GLY D 173 8.85 33.30 -9.61
CA GLY D 173 9.53 33.69 -8.39
C GLY D 173 9.46 32.72 -7.22
N MET D 174 9.83 31.46 -7.47
CA MET D 174 9.78 30.42 -6.44
C MET D 174 10.65 29.23 -6.83
N PRO D 175 11.15 28.47 -5.84
CA PRO D 175 11.99 27.31 -6.12
C PRO D 175 11.18 26.31 -6.94
N LEU D 176 11.83 25.26 -7.43
CA LEU D 176 11.14 24.25 -8.22
C LEU D 176 10.26 23.37 -7.32
N LYS D 177 10.85 22.89 -6.20
CA LYS D 177 10.15 22.06 -5.23
C LYS D 177 8.77 22.63 -4.90
N ARG D 178 8.72 23.95 -4.75
CA ARG D 178 7.48 24.64 -4.43
C ARG D 178 6.48 24.50 -5.58
N ALA D 179 6.92 24.85 -6.79
CA ALA D 179 6.06 24.74 -7.95
C ALA D 179 5.52 23.32 -8.06
N GLU D 180 6.36 22.35 -7.70
CA GLU D 180 5.97 20.95 -7.74
C GLU D 180 4.92 20.68 -6.67
N ALA D 181 5.03 21.40 -5.56
CA ALA D 181 4.10 21.26 -4.45
C ALA D 181 2.72 21.70 -4.91
N LEU D 182 2.67 22.85 -5.59
CA LEU D 182 1.40 23.36 -6.08
C LEU D 182 0.73 22.39 -7.05
N ILE D 183 1.52 21.79 -7.95
CA ILE D 183 0.99 20.88 -8.94
C ILE D 183 0.45 19.60 -8.32
N HIS D 184 1.15 19.08 -7.32
CA HIS D 184 0.67 17.88 -6.66
C HIS D 184 -0.67 18.24 -5.97
N LEU D 185 -0.67 19.35 -5.26
CA LEU D 185 -1.84 19.80 -4.54
C LEU D 185 -3.08 19.88 -5.44
N ALA D 186 -2.90 20.39 -6.65
CA ALA D 186 -4.02 20.52 -7.58
C ALA D 186 -4.54 19.13 -7.93
N ASN D 187 -3.63 18.19 -8.14
CA ASN D 187 -4.02 16.83 -8.46
C ASN D 187 -4.89 16.27 -7.36
N ALA D 188 -4.37 16.31 -6.13
CA ALA D 188 -5.09 15.81 -4.97
C ALA D 188 -6.47 16.45 -4.91
N ALA D 189 -6.55 17.76 -5.12
CA ALA D 189 -7.81 18.46 -5.10
C ALA D 189 -8.74 17.88 -6.16
N LEU D 190 -8.17 17.55 -7.32
CA LEU D 190 -8.93 16.99 -8.45
C LEU D 190 -9.53 15.62 -8.15
N GLU D 191 -8.74 14.71 -7.61
CA GLU D 191 -9.26 13.38 -7.33
C GLU D 191 -9.99 13.22 -6.00
N GLY D 192 -10.15 14.33 -5.27
CA GLY D 192 -10.85 14.28 -3.99
C GLY D 192 -10.03 13.89 -2.78
N THR D 193 -8.69 13.91 -2.90
CA THR D 193 -7.81 13.54 -1.80
C THR D 193 -7.58 14.68 -0.79
N LEU D 194 -7.77 15.91 -1.22
CA LEU D 194 -7.61 17.08 -0.34
C LEU D 194 -8.95 17.41 0.32
N PRO D 195 -9.08 17.13 1.63
CA PRO D 195 -10.34 17.43 2.32
C PRO D 195 -10.70 18.90 2.13
N MET D 196 -11.88 19.16 1.57
CA MET D 196 -12.32 20.54 1.34
C MET D 196 -13.07 21.16 2.51
N THR D 197 -13.50 20.32 3.45
CA THR D 197 -14.21 20.77 4.65
C THR D 197 -13.57 20.07 5.87
N ILE D 198 -13.63 20.73 7.04
CA ILE D 198 -13.01 20.16 8.23
C ILE D 198 -13.47 18.74 8.55
N PRO D 199 -12.53 17.81 8.68
CA PRO D 199 -12.79 16.41 8.98
C PRO D 199 -13.01 16.12 10.47
N GLY D 200 -13.62 14.98 10.75
CA GLY D 200 -13.89 14.60 12.13
C GLY D 200 -12.62 14.45 12.96
N ASP D 201 -11.55 13.98 12.33
CA ASP D 201 -10.27 13.82 13.04
C ASP D 201 -9.20 14.70 12.42
N VAL D 202 -9.15 15.95 12.87
CA VAL D 202 -8.19 16.91 12.35
C VAL D 202 -6.72 16.48 12.48
N GLU D 203 -6.36 15.79 13.55
CA GLU D 203 -4.96 15.39 13.70
C GLU D 203 -4.54 14.32 12.69
N GLN D 204 -5.42 13.36 12.45
CA GLN D 204 -5.14 12.29 11.51
C GLN D 204 -4.99 12.93 10.13
N ALA D 205 -5.94 13.79 9.78
CA ALA D 205 -5.93 14.45 8.49
C ALA D 205 -4.71 15.33 8.27
N MET D 206 -4.20 15.94 9.33
CA MET D 206 -3.01 16.79 9.21
C MET D 206 -1.79 15.94 8.92
N LYS D 207 -1.80 14.71 9.40
CA LYS D 207 -0.68 13.80 9.19
C LYS D 207 -0.66 13.35 7.72
N THR D 208 -1.84 13.05 7.19
CA THR D 208 -1.95 12.62 5.80
C THR D 208 -1.45 13.74 4.88
N LEU D 209 -1.67 14.99 5.28
CA LEU D 209 -1.22 16.12 4.49
C LEU D 209 0.29 16.25 4.49
N GLN D 210 0.93 15.90 5.60
CA GLN D 210 2.37 16.01 5.73
C GLN D 210 3.15 15.07 4.79
N THR D 211 2.43 14.18 4.09
CA THR D 211 3.09 13.26 3.18
C THR D 211 3.06 13.83 1.76
N PHE D 212 2.36 14.95 1.59
CA PHE D 212 2.30 15.59 0.28
C PHE D 212 3.67 16.22 0.05
N PRO D 213 4.17 16.16 -1.21
CA PRO D 213 5.48 16.75 -1.46
C PRO D 213 5.43 18.25 -1.21
N GLY D 214 6.30 18.73 -0.33
CA GLY D 214 6.35 20.16 -0.04
C GLY D 214 5.52 20.63 1.14
N ILE D 215 4.84 19.72 1.82
CA ILE D 215 4.01 20.10 2.97
C ILE D 215 4.53 19.50 4.26
N GLY D 216 5.10 20.33 5.12
CA GLY D 216 5.62 19.87 6.40
C GLY D 216 4.62 20.18 7.51
N ARG D 217 5.04 20.14 8.77
CA ARG D 217 4.13 20.43 9.85
C ARG D 217 3.58 21.87 9.87
N TRP D 218 4.45 22.86 9.76
CA TRP D 218 3.97 24.24 9.78
C TRP D 218 2.91 24.49 8.71
N THR D 219 3.12 23.93 7.52
CA THR D 219 2.17 24.13 6.43
C THR D 219 0.84 23.42 6.70
N ALA D 220 0.91 22.20 7.24
CA ALA D 220 -0.30 21.44 7.54
C ALA D 220 -1.13 22.16 8.63
N ASN D 221 -0.47 22.50 9.74
CA ASN D 221 -1.11 23.21 10.84
C ASN D 221 -1.79 24.48 10.32
N TYR D 222 -1.05 25.29 9.57
CA TYR D 222 -1.57 26.54 9.04
C TYR D 222 -2.76 26.29 8.12
N PHE D 223 -2.63 25.30 7.24
CA PHE D 223 -3.69 24.97 6.29
C PHE D 223 -4.96 24.57 7.03
N ALA D 224 -4.79 23.77 8.08
CA ALA D 224 -5.92 23.31 8.89
C ALA D 224 -6.61 24.49 9.57
N LEU D 225 -5.79 25.38 10.10
CA LEU D 225 -6.26 26.56 10.81
C LEU D 225 -7.13 27.44 9.89
N ARG D 226 -6.59 27.83 8.73
CA ARG D 226 -7.34 28.69 7.81
C ARG D 226 -8.20 27.97 6.76
N GLY D 227 -7.72 26.85 6.24
CA GLY D 227 -8.46 26.11 5.23
C GLY D 227 -9.68 25.35 5.75
N TRP D 228 -9.56 24.75 6.93
CA TRP D 228 -10.66 24.02 7.53
C TRP D 228 -11.27 24.85 8.66
N GLN D 229 -10.56 25.88 9.11
CA GLN D 229 -11.00 26.72 10.22
C GLN D 229 -11.05 25.90 11.51
N ALA D 230 -10.06 25.01 11.65
CA ALA D 230 -9.93 24.19 12.85
C ALA D 230 -9.70 25.15 14.01
N LYS D 231 -10.57 25.11 15.00
CA LYS D 231 -10.48 26.03 16.15
C LYS D 231 -9.49 25.64 17.26
N ASP D 232 -8.89 24.47 17.17
CA ASP D 232 -7.99 24.09 18.25
C ASP D 232 -6.59 23.66 17.85
N VAL D 233 -5.99 24.40 16.93
CA VAL D 233 -4.64 24.06 16.50
C VAL D 233 -3.68 25.18 16.87
N PHE D 234 -2.45 24.82 17.20
CA PHE D 234 -1.43 25.80 17.55
C PHE D 234 -0.28 25.57 16.57
N LEU D 235 0.53 26.60 16.33
CA LEU D 235 1.66 26.50 15.42
C LEU D 235 2.99 26.69 16.13
N PRO D 236 3.44 25.68 16.89
CA PRO D 236 4.72 25.80 17.61
C PRO D 236 5.97 25.92 16.72
N ASP D 237 5.80 25.76 15.41
CA ASP D 237 6.93 25.85 14.48
C ASP D 237 7.01 27.20 13.78
N ASP D 238 6.11 28.11 14.14
CA ASP D 238 6.10 29.41 13.51
C ASP D 238 7.25 30.32 13.94
N TYR D 239 7.78 31.05 12.97
CA TYR D 239 8.87 32.00 13.16
C TYR D 239 8.56 32.96 14.33
N LEU D 240 7.43 33.66 14.22
CA LEU D 240 7.03 34.60 15.26
C LEU D 240 6.70 33.90 16.56
N ILE D 241 6.09 32.72 16.47
CA ILE D 241 5.75 32.00 17.69
C ILE D 241 6.99 31.63 18.51
N LYS D 242 8.09 31.31 17.83
CA LYS D 242 9.33 30.97 18.53
C LYS D 242 9.80 32.22 19.30
N GLN D 243 9.56 33.39 18.71
CA GLN D 243 9.94 34.67 19.32
C GLN D 243 9.08 35.04 20.53
N ARG D 244 7.83 34.58 20.53
CA ARG D 244 6.91 34.85 21.62
C ARG D 244 7.22 33.98 22.83
N PHE D 245 7.77 32.79 22.60
CA PHE D 245 8.14 31.88 23.69
C PHE D 245 9.68 31.69 23.61
N PRO D 246 10.45 32.71 24.03
CA PRO D 246 11.92 32.74 24.02
C PRO D 246 12.62 31.50 24.61
N GLY D 247 13.47 30.87 23.79
CA GLY D 247 14.22 29.71 24.24
C GLY D 247 13.42 28.48 24.60
N MET D 248 12.26 28.31 23.97
CA MET D 248 11.45 27.15 24.25
C MET D 248 11.42 26.29 23.00
N THR D 249 11.45 24.98 23.20
CA THR D 249 11.42 24.05 22.09
C THR D 249 9.97 23.87 21.64
N PRO D 250 9.77 23.45 20.40
CA PRO D 250 8.42 23.24 19.89
C PRO D 250 7.56 22.41 20.84
N ALA D 251 8.16 21.41 21.49
CA ALA D 251 7.41 20.56 22.41
C ALA D 251 6.98 21.29 23.67
N GLN D 252 7.83 22.18 24.15
CA GLN D 252 7.53 22.96 25.36
C GLN D 252 6.42 23.97 25.04
N ILE D 253 6.50 24.58 23.86
CA ILE D 253 5.49 25.54 23.44
C ILE D 253 4.14 24.83 23.39
N ARG D 254 4.13 23.69 22.71
CA ARG D 254 2.93 22.88 22.57
C ARG D 254 2.34 22.43 23.91
N ARG D 255 3.20 22.14 24.88
CA ARG D 255 2.72 21.73 26.19
C ARG D 255 2.02 22.90 26.86
N TYR D 256 2.64 24.07 26.75
CA TYR D 256 2.11 25.27 27.35
C TYR D 256 0.73 25.61 26.76
N ALA D 257 0.61 25.58 25.43
CA ALA D 257 -0.62 25.91 24.72
C ALA D 257 -1.83 25.06 25.11
N GLU D 258 -1.59 23.93 25.77
CA GLU D 258 -2.69 23.05 26.18
C GLU D 258 -3.65 23.73 27.16
N ARG D 259 -3.18 24.79 27.82
CA ARG D 259 -4.02 25.49 28.78
C ARG D 259 -5.17 26.23 28.07
N TRP D 260 -5.09 26.34 26.75
CA TRP D 260 -6.12 27.06 26.02
C TRP D 260 -7.07 26.15 25.27
N LYS D 261 -6.85 24.85 25.37
CA LYS D 261 -7.74 23.90 24.73
C LYS D 261 -9.11 24.21 25.30
N PRO D 262 -10.18 24.06 24.52
CA PRO D 262 -10.19 23.60 23.13
C PRO D 262 -10.19 24.75 22.10
N TRP D 263 -9.63 25.90 22.47
CA TRP D 263 -9.61 27.03 21.54
C TRP D 263 -8.22 27.51 21.17
N ARG D 264 -7.28 26.57 21.04
CA ARG D 264 -5.92 26.94 20.70
C ARG D 264 -5.78 27.84 19.47
N SER D 265 -6.65 27.69 18.48
CA SER D 265 -6.53 28.54 17.30
C SER D 265 -6.74 30.01 17.64
N TYR D 266 -7.71 30.30 18.50
CA TYR D 266 -7.95 31.68 18.88
C TYR D 266 -6.77 32.18 19.74
N ALA D 267 -6.24 31.32 20.61
CA ALA D 267 -5.10 31.69 21.46
C ALA D 267 -3.96 32.11 20.55
N LEU D 268 -3.76 31.31 19.51
CA LEU D 268 -2.68 31.57 18.55
C LEU D 268 -2.85 32.95 17.91
N LEU D 269 -4.08 33.30 17.54
CA LEU D 269 -4.31 34.60 16.91
C LEU D 269 -4.04 35.74 17.87
N HIS D 270 -4.40 35.59 19.14
CA HIS D 270 -4.15 36.65 20.10
C HIS D 270 -2.65 36.81 20.37
N ILE D 271 -1.94 35.70 20.49
CA ILE D 271 -0.50 35.75 20.75
C ILE D 271 0.27 36.28 19.53
N TRP D 272 -0.15 35.90 18.34
CA TRP D 272 0.49 36.39 17.12
C TRP D 272 0.43 37.93 17.09
N TYR D 273 -0.76 38.46 17.35
CA TYR D 273 -0.95 39.90 17.32
C TYR D 273 -0.85 40.64 18.63
N THR D 274 0.12 40.24 19.46
CA THR D 274 0.36 40.91 20.72
C THR D 274 1.87 41.06 20.91
N GLU D 275 2.41 42.13 20.32
CA GLU D 275 3.84 42.43 20.42
C GLU D 275 4.27 42.43 21.89
N GLY D 276 5.40 41.80 22.18
CA GLY D 276 5.88 41.79 23.55
C GLY D 276 5.19 40.81 24.47
N TRP D 277 4.28 39.99 23.95
CA TRP D 277 3.61 39.00 24.78
C TRP D 277 4.68 38.01 25.20
N GLN D 278 4.56 37.46 26.40
CA GLN D 278 5.51 36.47 26.88
C GLN D 278 4.84 35.51 27.85
N PRO D 279 5.35 34.29 27.95
CA PRO D 279 4.81 33.26 28.84
C PRO D 279 5.03 33.52 30.32
N ASP D 280 4.14 32.99 31.16
CA ASP D 280 4.25 33.17 32.60
C ASP D 280 5.38 32.33 33.18
N GLU D 281 5.33 32.10 34.49
CA GLU D 281 6.34 31.31 35.18
C GLU D 281 5.74 29.94 35.54
N ALA D 282 4.84 29.47 34.68
CA ALA D 282 4.19 28.19 34.89
C ALA D 282 5.18 27.05 34.67
#